data_8WSS
#
_entry.id   8WSS
#
_cell.length_a   1.00
_cell.length_b   1.00
_cell.length_c   1.00
_cell.angle_alpha   90.00
_cell.angle_beta   90.00
_cell.angle_gamma   90.00
#
_symmetry.space_group_name_H-M   'P 1'
#
loop_
_entity.id
_entity.type
_entity.pdbx_description
1 polymer 'Guanine nucleotide-binding protein G(i) subunit alpha-1'
2 polymer 'Guanine nucleotide-binding protein G(I)/G(S)/G(T) subunit beta-1'
3 polymer 'Guanine nucleotide-binding protein G(I)/G(S)/G(O) subunit gamma-2'
4 polymer Scfv16
5 polymer Pro-MCH
6 polymer 'Melanin-concentrating hormone receptor 1'
#
loop_
_entity_poly.entity_id
_entity_poly.type
_entity_poly.pdbx_seq_one_letter_code
_entity_poly.pdbx_strand_id
1 'polypeptide(L)'
;MGCTLSAEDKAAVERSKMIDRNLREDGEKAAREVKLLLLGAGESGKNTIVKQMKIIHEAGYSEEECKQYKAVVYSNTIQS
IIAIIRAMGRLKIDFGDSARADDARQLFVLAGAAEEGFMTAELAGVIKRLWKDSGVQACFNRSREYQLNDSAAYYLNDLD
RIAQPNYIPTQQDVLRTRVKTTGIVETHFTFKDLHFKMFDVGAQRSERKKWIHCFEGVTAIIFCVALSDYDLVLAEDEEM
NRMHASMKLFDSICNNKWFTDTSIILFLNKKDLFEEKIKKSPLTICYPEYAGSNTYEEAAAYIQCQFEDLNKRKDTKEIY
THFTCSTDTKNVQFVFDAVTDVIIKNNLKDCGLF
;
A
2 'polypeptide(L)'
;MHHHHHHGSLLQSELDQLRQEAEQLKNQIRDARKACADATLSQITNNIDPVGRIQMRTRRTLRGHLAKIYAMHWGTDSRL
LVSASQDGKLIIWDSYTTNKVHAIPLRSSWVMTCAYAPSGNYVACGGLDNICSIYNLKTREGNVRVSRELAGHTGYLSCC
RFLDDNQIVTSSGDTTCALWDIETGQQTTTFTGHTGDVMSLSLAPDTRLFVSGACDASAKLWDVREGMCRQTFTGHESDI
NAICFFPNGNAFATGSDDATCRLFDLRADQELMTYSHDNIICGITSVSFSKSGRLLLAGYDDFNCNVWDALKADRAGVLA
GHDNRVSCLGVTDDGMAVATGSWDSFLKIWNGSSGGGGSGGGGSSGVSGWRLFKKIS
;
B
3 'polypeptide(L)' MASNNTASIAQARKLVEQLKMEANIDRIKVSKAAADLMAYCEAHAKEDPLLTPVPASENPFREKKFFCAIL G
4 'polypeptide(L)'
;MLLVNQSHQGFNKEHTSKMVSAIVLYVLLAAAAHSAFAVQLVESGGGLVQPGGSRKLSCSASGFAFSSFGMHWVRQAPEK
GLEWVAYISSGSGTIYYADTVKGRFTISRDDPKNTLFLQMTSLRSEDTAMYYCVRSIYYYGSSPFDFWGQGTTLTVSAGG
GGSGGGGSGGGGSADIVMTQATSSVPVTPGESVSISCRSSKSLLHSNGNTYLYWFLQRPGQSPQLLIYRMSNLASGVPDR
FSGSGSGTAFTLTISRLEAEDVGVYYCMQHLEYPLTFGAGTKLEL
;
H
5 'polypeptide(L)' DFDMLRCMLGRVYRPCWQV L
6 'polypeptide(L)'
;QGGTMDLEASLLPTGPNASNTSDGPDNLTSAGSPPRTGSISYINIIMPSVFGTICLLGIIGNSTVIFAVVKKSKLHWCNN
VPDIFIINLSVVDLLFLLGMPFMIHQLMGNGVWHFGETMCTLITAMDANSQFTSTYILTAMAIDRYLATVHPISSTKFRK
PSVATLVICLLWALSFISITPVWLYARLIPFPGGAVGCGIRLPNPDTDLYWFTLYQFFLAFALPFVVITAAYVRILQRMT
SSVAPASQRSIRLRTKRVTRTAIAICLVFFVCWAPYYVLQLTQLSISRPTLTFVYLYNAAISLGYANSCLNPFVYIVLCE
TFRKRLVLSVKPAAQGQLRAGSSGGGGSGGGGSSGVFTLEDFVGDWEQTAAYNLDQVLEQGGVSSLLQNLAVSVTPIQRI
VR
;
R
#
# COMPACT_ATOMS: atom_id res chain seq x y z
N LEU A 5 -2.32 -12.90 25.33
CA LEU A 5 -3.46 -12.61 24.47
C LEU A 5 -3.85 -11.14 24.55
N SER A 6 -5.11 -10.85 24.21
CA SER A 6 -5.63 -9.50 24.23
C SER A 6 -6.99 -9.47 24.92
N ALA A 7 -7.31 -8.32 25.52
CA ALA A 7 -8.58 -8.14 26.20
C ALA A 7 -9.48 -7.16 25.45
N GLU A 8 -8.99 -5.96 25.16
CA GLU A 8 -9.74 -4.98 24.38
C GLU A 8 -9.15 -4.75 22.99
N ASP A 9 -7.95 -5.27 22.72
CA ASP A 9 -7.33 -5.10 21.41
C ASP A 9 -8.02 -5.92 20.32
N LYS A 10 -8.91 -6.84 20.68
CA LYS A 10 -9.64 -7.60 19.67
C LYS A 10 -10.51 -6.68 18.81
N ALA A 11 -11.19 -5.72 19.44
CA ALA A 11 -11.98 -4.76 18.68
C ALA A 11 -11.10 -3.89 17.81
N ALA A 12 -9.90 -3.53 18.28
CA ALA A 12 -8.97 -2.78 17.47
C ALA A 12 -8.53 -3.60 16.24
N VAL A 13 -8.28 -4.90 16.43
CA VAL A 13 -7.91 -5.75 15.31
C VAL A 13 -9.07 -5.87 14.32
N GLU A 14 -10.30 -5.98 14.82
CA GLU A 14 -11.46 -6.03 13.93
C GLU A 14 -11.60 -4.73 13.14
N ARG A 15 -11.38 -3.58 13.80
CA ARG A 15 -11.42 -2.30 13.10
C ARG A 15 -10.33 -2.22 12.04
N SER A 16 -9.12 -2.71 12.36
CA SER A 16 -8.04 -2.72 11.39
C SER A 16 -8.38 -3.60 10.20
N LYS A 17 -9.01 -4.75 10.44
CA LYS A 17 -9.42 -5.62 9.35
C LYS A 17 -10.48 -4.95 8.48
N MET A 18 -11.42 -4.25 9.09
CA MET A 18 -12.43 -3.52 8.31
C MET A 18 -11.77 -2.43 7.46
N ILE A 19 -10.81 -1.71 8.04
CA ILE A 19 -10.09 -0.69 7.29
C ILE A 19 -9.31 -1.31 6.13
N ASP A 20 -8.70 -2.47 6.37
CA ASP A 20 -7.99 -3.17 5.31
C ASP A 20 -8.93 -3.58 4.18
N ARG A 21 -10.12 -4.07 4.53
CA ARG A 21 -11.10 -4.45 3.52
C ARG A 21 -11.52 -3.24 2.69
N ASN A 22 -11.80 -2.12 3.37
CA ASN A 22 -12.19 -0.91 2.65
C ASN A 22 -11.05 -0.42 1.75
N LEU A 23 -9.81 -0.48 2.23
CA LEU A 23 -8.67 -0.06 1.43
C LEU A 23 -8.49 -0.97 0.22
N ARG A 24 -8.68 -2.28 0.39
CA ARG A 24 -8.59 -3.19 -0.75
C ARG A 24 -9.67 -2.89 -1.78
N GLU A 25 -10.89 -2.63 -1.33
CA GLU A 25 -11.96 -2.29 -2.26
C GLU A 25 -11.65 -1.00 -3.01
N ASP A 26 -11.17 0.02 -2.30
CA ASP A 26 -10.83 1.28 -2.95
C ASP A 26 -9.68 1.11 -3.93
N GLY A 27 -8.69 0.30 -3.57
CA GLY A 27 -7.57 0.07 -4.48
C GLY A 27 -7.99 -0.68 -5.73
N GLU A 28 -8.86 -1.68 -5.58
CA GLU A 28 -9.38 -2.37 -6.75
C GLU A 28 -10.18 -1.43 -7.64
N LYS A 29 -11.00 -0.56 -7.03
CA LYS A 29 -11.75 0.42 -7.81
C LYS A 29 -10.82 1.37 -8.56
N ALA A 30 -9.76 1.83 -7.90
CA ALA A 30 -8.82 2.74 -8.55
C ALA A 30 -8.06 2.05 -9.68
N ALA A 31 -7.65 0.80 -9.47
CA ALA A 31 -6.93 0.06 -10.50
C ALA A 31 -7.83 -0.24 -11.70
N ARG A 32 -9.11 -0.50 -11.46
CA ARG A 32 -10.04 -0.73 -12.56
C ARG A 32 -10.21 0.51 -13.42
N GLU A 33 -9.95 1.69 -12.86
CA GLU A 33 -10.15 2.96 -13.53
C GLU A 33 -8.87 3.40 -14.22
N VAL A 34 -8.99 3.77 -15.51
CA VAL A 34 -7.84 4.17 -16.31
C VAL A 34 -7.38 5.56 -15.87
N LYS A 35 -6.08 5.82 -16.02
CA LYS A 35 -5.46 7.06 -15.60
C LYS A 35 -4.77 7.70 -16.80
N LEU A 36 -5.02 9.00 -16.99
CA LEU A 36 -4.50 9.74 -18.14
C LEU A 36 -3.81 11.01 -17.67
N LEU A 37 -2.82 11.45 -18.45
CA LEU A 37 -2.07 12.66 -18.17
C LEU A 37 -2.02 13.56 -19.41
N LEU A 38 -2.04 14.86 -19.18
CA LEU A 38 -2.01 15.86 -20.24
C LEU A 38 -0.75 16.72 -20.13
N LEU A 39 -0.15 17.00 -21.29
CA LEU A 39 1.04 17.83 -21.35
C LEU A 39 1.17 18.35 -22.77
N GLY A 40 1.99 19.38 -22.93
CA GLY A 40 2.24 19.97 -24.22
C GLY A 40 2.72 21.40 -24.07
N ALA A 41 2.73 22.10 -25.19
CA ALA A 41 3.19 23.49 -25.23
C ALA A 41 2.09 24.44 -24.80
N GLY A 42 2.47 25.69 -24.54
CA GLY A 42 1.50 26.69 -24.13
C GLY A 42 0.51 27.00 -25.25
N GLU A 43 -0.77 27.06 -24.88
CA GLU A 43 -1.86 27.35 -25.80
C GLU A 43 -1.88 26.37 -26.98
N SER A 44 -1.60 25.10 -26.71
CA SER A 44 -1.60 24.08 -27.75
C SER A 44 -2.98 23.54 -28.07
N GLY A 45 -3.99 23.84 -27.24
CA GLY A 45 -5.34 23.36 -27.50
C GLY A 45 -5.88 22.50 -26.39
N LYS A 46 -5.24 22.54 -25.22
CA LYS A 46 -5.72 21.76 -24.08
C LYS A 46 -7.10 22.22 -23.64
N ASN A 47 -7.33 23.53 -23.59
CA ASN A 47 -8.65 24.06 -23.28
C ASN A 47 -9.68 23.70 -24.35
N THR A 48 -9.24 23.34 -25.56
CA THR A 48 -10.15 22.89 -26.60
C THR A 48 -10.47 21.41 -26.47
N ILE A 49 -9.47 20.58 -26.21
CA ILE A 49 -9.73 19.15 -26.05
C ILE A 49 -10.51 18.88 -24.77
N VAL A 50 -10.37 19.72 -23.75
CA VAL A 50 -11.18 19.58 -22.55
C VAL A 50 -12.66 19.78 -22.88
N LYS A 51 -12.95 20.80 -23.68
CA LYS A 51 -14.33 21.00 -24.13
C LYS A 51 -14.79 19.89 -25.06
N GLN A 52 -13.88 19.33 -25.87
CA GLN A 52 -14.24 18.24 -26.75
C GLN A 52 -14.68 17.02 -25.96
N MET A 53 -13.86 16.58 -25.01
CA MET A 53 -14.21 15.49 -24.11
C MET A 53 -14.89 16.09 -22.89
N LYS A 54 -16.22 16.23 -22.98
CA LYS A 54 -16.97 16.93 -21.94
C LYS A 54 -16.86 16.21 -20.61
N ILE A 55 -16.78 16.99 -19.53
CA ILE A 55 -16.65 16.44 -18.18
C ILE A 55 -17.92 15.70 -17.78
N THR A 182 -3.53 27.53 -9.27
CA THR A 182 -4.46 26.67 -8.54
C THR A 182 -3.86 25.31 -8.24
N GLY A 183 -3.34 24.65 -9.28
CA GLY A 183 -2.73 23.35 -9.15
C GLY A 183 -3.22 22.39 -10.22
N ILE A 184 -3.29 21.11 -9.85
CA ILE A 184 -3.74 20.08 -10.78
C ILE A 184 -5.25 20.16 -10.94
N VAL A 185 -5.71 20.16 -12.18
CA VAL A 185 -7.13 20.13 -12.51
C VAL A 185 -7.49 18.71 -12.94
N GLU A 186 -8.45 18.10 -12.25
CA GLU A 186 -8.87 16.73 -12.51
C GLU A 186 -10.27 16.74 -13.11
N THR A 187 -10.43 16.05 -14.23
CA THR A 187 -11.71 15.91 -14.90
C THR A 187 -12.04 14.42 -15.01
N HIS A 188 -13.24 14.05 -14.58
CA HIS A 188 -13.67 12.66 -14.58
C HIS A 188 -14.87 12.49 -15.50
N PHE A 189 -14.81 11.47 -16.34
CA PHE A 189 -15.91 11.14 -17.24
C PHE A 189 -15.89 9.65 -17.55
N THR A 190 -17.07 9.10 -17.79
CA THR A 190 -17.23 7.69 -18.10
C THR A 190 -17.64 7.53 -19.55
N PHE A 191 -16.91 6.72 -20.30
CA PHE A 191 -17.18 6.49 -21.71
C PHE A 191 -17.06 5.01 -21.99
N LYS A 192 -18.10 4.43 -22.61
CA LYS A 192 -18.15 3.01 -22.93
C LYS A 192 -17.91 2.14 -21.70
N ASP A 193 -18.59 2.50 -20.61
CA ASP A 193 -18.48 1.79 -19.33
C ASP A 193 -17.03 1.73 -18.85
N LEU A 194 -16.31 2.82 -19.04
CA LEU A 194 -14.91 2.93 -18.61
C LEU A 194 -14.70 4.31 -18.01
N HIS A 195 -14.35 4.36 -16.73
CA HIS A 195 -14.14 5.63 -16.04
C HIS A 195 -12.76 6.16 -16.37
N PHE A 196 -12.68 7.45 -16.71
CA PHE A 196 -11.43 8.10 -17.10
C PHE A 196 -11.04 9.15 -16.09
N LYS A 197 -9.78 9.13 -15.67
CA LYS A 197 -9.20 10.18 -14.85
C LYS A 197 -8.17 10.95 -15.67
N MET A 198 -8.40 12.26 -15.81
CA MET A 198 -7.59 13.11 -16.66
C MET A 198 -7.01 14.25 -15.83
N PHE A 199 -5.71 14.48 -15.96
CA PHE A 199 -4.99 15.48 -15.17
C PHE A 199 -4.38 16.51 -16.11
N ASP A 200 -4.57 17.78 -15.79
CA ASP A 200 -4.00 18.89 -16.55
C ASP A 200 -3.03 19.64 -15.66
N VAL A 201 -1.79 19.79 -16.12
CA VAL A 201 -0.74 20.47 -15.35
C VAL A 201 -0.24 21.62 -16.21
N GLY A 202 -0.85 22.79 -16.05
CA GLY A 202 -0.44 23.97 -16.80
C GLY A 202 -0.39 25.22 -15.96
N ALA A 203 -0.77 25.10 -14.68
CA ALA A 203 -0.78 26.23 -13.76
C ALA A 203 0.32 26.14 -12.71
N GLN A 204 1.31 25.26 -12.92
CA GLN A 204 2.41 25.08 -11.98
C GLN A 204 3.69 25.58 -12.65
N ARG A 205 4.14 26.76 -12.25
CA ARG A 205 5.38 27.34 -12.76
C ARG A 205 6.54 27.02 -11.82
N SER A 206 6.77 25.72 -11.65
CA SER A 206 7.83 25.21 -10.78
C SER A 206 8.72 24.25 -11.56
N GLU A 207 9.61 23.58 -10.85
CA GLU A 207 10.53 22.63 -11.46
C GLU A 207 9.79 21.34 -11.76
N ARG A 208 9.77 20.94 -13.03
CA ARG A 208 8.96 19.79 -13.45
C ARG A 208 9.54 18.48 -12.91
N LYS A 209 10.88 18.36 -12.88
CA LYS A 209 11.50 17.11 -12.48
C LYS A 209 11.31 16.78 -11.00
N LYS A 210 10.90 17.75 -10.18
CA LYS A 210 10.64 17.51 -8.78
C LYS A 210 9.28 16.85 -8.53
N TRP A 211 8.41 16.81 -9.53
CA TRP A 211 7.12 16.14 -9.40
C TRP A 211 6.72 15.31 -10.60
N ILE A 212 7.58 15.18 -11.62
CA ILE A 212 7.24 14.38 -12.78
C ILE A 212 7.20 12.90 -12.42
N HIS A 213 8.00 12.48 -11.43
CA HIS A 213 7.99 11.09 -10.99
C HIS A 213 6.70 10.73 -10.26
N CYS A 214 5.94 11.73 -9.81
CA CYS A 214 4.68 11.46 -9.13
C CYS A 214 3.64 10.87 -10.08
N PHE A 215 3.80 11.05 -11.39
CA PHE A 215 2.87 10.52 -12.37
C PHE A 215 3.34 9.21 -12.99
N GLU A 216 4.34 8.55 -12.39
CA GLU A 216 4.80 7.28 -12.90
C GLU A 216 3.71 6.22 -12.76
N GLY A 217 3.51 5.45 -13.83
CA GLY A 217 2.49 4.42 -13.85
C GLY A 217 1.19 4.81 -14.51
N VAL A 218 1.10 5.98 -15.13
CA VAL A 218 -0.11 6.37 -15.85
C VAL A 218 -0.28 5.50 -17.08
N THR A 219 -1.53 5.22 -17.44
CA THR A 219 -1.81 4.37 -18.59
C THR A 219 -1.32 5.00 -19.89
N ALA A 220 -1.56 6.30 -20.07
CA ALA A 220 -1.16 6.98 -21.29
C ALA A 220 -0.97 8.45 -21.02
N ILE A 221 -0.23 9.12 -21.91
CA ILE A 221 0.02 10.55 -21.83
C ILE A 221 -0.48 11.19 -23.12
N ILE A 222 -1.33 12.19 -22.99
CA ILE A 222 -1.86 12.92 -24.14
C ILE A 222 -1.01 14.15 -24.37
N PHE A 223 -0.35 14.22 -25.51
CA PHE A 223 0.49 15.35 -25.88
C PHE A 223 -0.17 16.10 -27.03
N CYS A 224 -0.41 17.40 -26.83
CA CYS A 224 -1.11 18.21 -27.80
C CYS A 224 -0.16 19.24 -28.40
N VAL A 225 -0.13 19.31 -29.73
CA VAL A 225 0.66 20.29 -30.46
C VAL A 225 -0.22 20.90 -31.54
N ALA A 226 -0.26 22.23 -31.60
CA ALA A 226 -1.06 22.92 -32.61
C ALA A 226 -0.35 22.85 -33.95
N LEU A 227 -1.06 22.39 -34.98
CA LEU A 227 -0.46 22.27 -36.30
C LEU A 227 -0.09 23.64 -36.87
N SER A 228 -0.96 24.63 -36.70
CA SER A 228 -0.70 25.96 -37.25
C SER A 228 0.17 26.77 -36.30
N ASP A 229 1.31 26.21 -35.90
CA ASP A 229 2.26 26.94 -35.06
C ASP A 229 3.68 26.84 -35.61
N TYR A 230 3.84 26.44 -36.87
CA TYR A 230 5.18 26.27 -37.43
C TYR A 230 5.88 27.61 -37.64
N ASP A 231 5.12 28.68 -37.87
CA ASP A 231 5.67 30.03 -37.95
C ASP A 231 4.86 30.93 -37.04
N LEU A 232 5.25 30.98 -35.76
CA LEU A 232 4.58 31.80 -34.75
C LEU A 232 5.58 32.52 -33.86
N VAL A 233 6.83 32.66 -34.29
CA VAL A 233 7.85 33.28 -33.45
C VAL A 233 7.64 34.79 -33.39
N ASN A 241 9.41 28.62 -34.53
CA ASN A 241 10.17 28.34 -33.32
C ASN A 241 9.29 27.64 -32.29
N ARG A 242 7.98 27.91 -32.34
CA ARG A 242 7.06 27.27 -31.42
C ARG A 242 7.01 25.77 -31.65
N MET A 243 7.05 25.33 -32.91
CA MET A 243 7.12 23.91 -33.21
C MET A 243 8.40 23.30 -32.66
N HIS A 244 9.51 24.05 -32.73
CA HIS A 244 10.77 23.56 -32.16
C HIS A 244 10.65 23.39 -30.65
N ALA A 245 10.00 24.33 -29.98
CA ALA A 245 9.78 24.20 -28.54
C ALA A 245 8.91 23.00 -28.22
N SER A 246 7.86 22.78 -29.02
CA SER A 246 7.01 21.61 -28.82
C SER A 246 7.79 20.32 -29.01
N MET A 247 8.66 20.27 -30.03
CA MET A 247 9.49 19.10 -30.25
C MET A 247 10.45 18.89 -29.09
N LYS A 248 11.03 19.97 -28.56
CA LYS A 248 11.92 19.84 -27.40
C LYS A 248 11.17 19.29 -26.20
N LEU A 249 9.96 19.79 -25.94
CA LEU A 249 9.18 19.30 -24.81
C LEU A 249 8.80 17.84 -25.01
N PHE A 250 8.41 17.46 -26.23
CA PHE A 250 8.07 16.07 -26.52
C PHE A 250 9.26 15.15 -26.32
N ASP A 251 10.44 15.58 -26.78
CA ASP A 251 11.65 14.78 -26.59
C ASP A 251 11.99 14.65 -25.11
N SER A 252 11.84 15.74 -24.35
CA SER A 252 12.13 15.69 -22.92
C SER A 252 11.19 14.75 -22.18
N ILE A 253 9.90 14.78 -22.52
CA ILE A 253 8.93 13.97 -21.79
C ILE A 253 8.93 12.51 -22.26
N CYS A 254 9.19 12.26 -23.54
CA CYS A 254 9.17 10.90 -24.06
C CYS A 254 10.40 10.10 -23.61
N ASN A 255 11.55 10.75 -23.56
CA ASN A 255 12.79 10.10 -23.17
C ASN A 255 13.04 10.14 -21.67
N ASN A 256 12.09 10.68 -20.89
CA ASN A 256 12.26 10.75 -19.46
C ASN A 256 12.31 9.35 -18.85
N LYS A 257 13.14 9.18 -17.83
CA LYS A 257 13.36 7.88 -17.22
C LYS A 257 12.13 7.36 -16.47
N TRP A 258 11.17 8.23 -16.14
CA TRP A 258 9.97 7.80 -15.44
C TRP A 258 8.84 7.40 -16.38
N PHE A 259 8.99 7.60 -17.69
CA PHE A 259 7.97 7.28 -18.67
C PHE A 259 8.55 6.43 -19.80
N THR A 260 9.40 5.47 -19.46
CA THR A 260 10.02 4.62 -20.45
C THR A 260 9.10 3.52 -20.97
N ASP A 261 7.97 3.28 -20.29
CA ASP A 261 7.03 2.25 -20.71
C ASP A 261 5.64 2.77 -21.04
N THR A 262 5.29 3.99 -20.60
CA THR A 262 3.97 4.52 -20.87
C THR A 262 3.81 4.88 -22.35
N SER A 263 2.57 4.82 -22.82
CA SER A 263 2.24 5.17 -24.19
C SER A 263 1.90 6.66 -24.29
N ILE A 264 2.08 7.21 -25.48
CA ILE A 264 1.86 8.62 -25.74
C ILE A 264 0.78 8.76 -26.81
N ILE A 265 -0.23 9.57 -26.53
CA ILE A 265 -1.29 9.89 -27.48
C ILE A 265 -1.03 11.29 -27.99
N LEU A 266 -0.76 11.41 -29.29
CA LEU A 266 -0.41 12.68 -29.90
C LEU A 266 -1.64 13.28 -30.58
N PHE A 267 -1.98 14.51 -30.19
CA PHE A 267 -3.10 15.24 -30.79
C PHE A 267 -2.57 16.47 -31.52
N LEU A 268 -3.04 16.68 -32.73
CA LEU A 268 -2.65 17.82 -33.56
C LEU A 268 -3.87 18.70 -33.77
N ASN A 269 -3.88 19.86 -33.12
CA ASN A 269 -5.02 20.76 -33.15
C ASN A 269 -4.83 21.86 -34.18
N LYS A 270 -5.89 22.64 -34.38
CA LYS A 270 -5.91 23.73 -35.36
C LYS A 270 -5.53 23.24 -36.75
N LYS A 271 -6.13 22.12 -37.16
CA LYS A 271 -5.85 21.57 -38.48
C LYS A 271 -6.33 22.50 -39.59
N ASP A 272 -7.51 23.09 -39.43
CA ASP A 272 -8.04 23.99 -40.45
C ASP A 272 -7.15 25.21 -40.62
N LEU A 273 -6.67 25.77 -39.51
CA LEU A 273 -5.76 26.91 -39.59
C LEU A 273 -4.47 26.53 -40.30
N PHE A 274 -3.96 25.31 -40.02
CA PHE A 274 -2.77 24.84 -40.70
C PHE A 274 -3.01 24.71 -42.20
N GLU A 275 -4.17 24.19 -42.59
CA GLU A 275 -4.49 24.05 -44.01
C GLU A 275 -4.60 25.41 -44.68
N GLU A 276 -5.16 26.40 -43.98
CA GLU A 276 -5.25 27.73 -44.54
C GLU A 276 -3.87 28.38 -44.68
N LYS A 277 -3.00 28.17 -43.69
CA LYS A 277 -1.70 28.84 -43.69
C LYS A 277 -0.72 28.19 -44.65
N ILE A 278 -0.84 26.88 -44.88
CA ILE A 278 0.16 26.17 -45.67
C ILE A 278 0.15 26.66 -47.12
N LYS A 279 -1.01 27.12 -47.60
CA LYS A 279 -1.07 27.64 -48.96
C LYS A 279 -0.23 28.90 -49.12
N LYS A 280 -0.26 29.79 -48.13
CA LYS A 280 0.45 31.05 -48.22
C LYS A 280 1.85 30.99 -47.63
N SER A 281 2.11 30.10 -46.69
CA SER A 281 3.40 30.00 -46.03
C SER A 281 3.96 28.60 -46.23
N PRO A 282 5.11 28.46 -46.89
CA PRO A 282 5.71 27.13 -47.05
C PRO A 282 6.16 26.56 -45.71
N LEU A 283 6.11 25.23 -45.60
CA LEU A 283 6.54 24.56 -44.38
C LEU A 283 8.06 24.61 -44.21
N THR A 284 8.80 25.01 -45.25
CA THR A 284 10.25 25.06 -45.16
C THR A 284 10.72 26.13 -44.18
N ILE A 285 9.83 27.04 -43.77
CA ILE A 285 10.19 28.06 -42.80
C ILE A 285 10.56 27.41 -41.47
N CYS A 286 9.79 26.41 -41.05
CA CYS A 286 10.05 25.72 -39.78
C CYS A 286 11.09 24.61 -39.99
N TYR A 287 10.85 23.75 -40.98
CA TYR A 287 11.79 22.67 -41.29
C TYR A 287 12.46 22.96 -42.63
N PRO A 288 13.71 23.43 -42.61
CA PRO A 288 14.39 23.77 -43.88
C PRO A 288 14.68 22.57 -44.77
N GLU A 289 14.66 21.35 -44.24
CA GLU A 289 15.01 20.16 -45.00
C GLU A 289 13.77 19.48 -45.60
N TYR A 290 12.60 20.09 -45.48
CA TYR A 290 11.37 19.53 -46.02
C TYR A 290 11.34 19.74 -47.53
N ALA A 291 11.85 18.74 -48.25
CA ALA A 291 11.87 18.76 -49.71
C ALA A 291 10.62 18.06 -50.24
N GLY A 292 9.51 18.78 -50.18
CA GLY A 292 8.23 18.24 -50.64
C GLY A 292 7.28 19.29 -51.15
N SER A 293 6.03 18.89 -51.43
CA SER A 293 5.04 19.81 -51.93
C SER A 293 4.48 20.67 -50.79
N ASN A 294 3.67 21.65 -51.15
CA ASN A 294 3.06 22.57 -50.19
C ASN A 294 1.57 22.26 -49.98
N THR A 295 1.21 20.97 -50.02
CA THR A 295 -0.15 20.53 -49.83
C THR A 295 -0.33 20.01 -48.40
N TYR A 296 -1.59 19.82 -48.01
CA TYR A 296 -1.89 19.44 -46.63
C TYR A 296 -1.43 18.02 -46.32
N GLU A 297 -1.65 17.08 -47.24
CA GLU A 297 -1.38 15.67 -46.94
C GLU A 297 0.10 15.43 -46.68
N GLU A 298 0.96 15.90 -47.60
CA GLU A 298 2.39 15.70 -47.44
C GLU A 298 2.93 16.41 -46.21
N ALA A 299 2.46 17.64 -45.97
CA ALA A 299 2.92 18.40 -44.80
C ALA A 299 2.53 17.67 -43.50
N ALA A 300 1.29 17.20 -43.42
CA ALA A 300 0.85 16.48 -42.23
C ALA A 300 1.62 15.18 -42.04
N ALA A 301 1.86 14.45 -43.13
CA ALA A 301 2.64 13.22 -43.02
C ALA A 301 4.06 13.50 -42.54
N TYR A 302 4.68 14.56 -43.07
CA TYR A 302 6.03 14.92 -42.63
C TYR A 302 6.04 15.34 -41.17
N ILE A 303 5.03 16.09 -40.73
CA ILE A 303 4.96 16.50 -39.33
C ILE A 303 4.83 15.28 -38.43
N GLN A 304 3.95 14.34 -38.80
CA GLN A 304 3.78 13.14 -38.00
C GLN A 304 5.06 12.31 -37.95
N CYS A 305 5.75 12.18 -39.09
CA CYS A 305 6.99 11.42 -39.12
C CYS A 305 8.07 12.09 -38.26
N GLN A 306 8.17 13.42 -38.34
CA GLN A 306 9.16 14.13 -37.54
C GLN A 306 8.87 13.99 -36.05
N PHE A 307 7.59 14.07 -35.67
CA PHE A 307 7.23 13.92 -34.26
C PHE A 307 7.51 12.50 -33.76
N GLU A 308 7.23 11.50 -34.59
CA GLU A 308 7.47 10.11 -34.20
C GLU A 308 8.96 9.77 -34.19
N ASP A 309 9.77 10.46 -34.98
CA ASP A 309 11.20 10.17 -35.01
C ASP A 309 11.91 10.56 -33.72
N LEU A 310 11.30 11.43 -32.91
CA LEU A 310 11.93 11.84 -31.66
C LEU A 310 11.99 10.72 -30.63
N ASN A 311 11.22 9.66 -30.82
CA ASN A 311 11.21 8.55 -29.86
C ASN A 311 12.39 7.62 -30.13
N LYS A 312 13.27 7.47 -29.14
CA LYS A 312 14.37 6.52 -29.20
C LYS A 312 14.10 5.25 -28.42
N ARG A 313 12.85 4.99 -28.08
CA ARG A 313 12.42 3.81 -27.33
C ARG A 313 11.33 3.06 -28.11
N LYS A 314 11.59 2.86 -29.41
CA LYS A 314 10.60 2.26 -30.29
C LYS A 314 10.36 0.78 -30.01
N ASP A 315 11.17 0.16 -29.15
CA ASP A 315 11.04 -1.28 -28.91
C ASP A 315 9.69 -1.63 -28.29
N THR A 316 9.33 -0.94 -27.21
CA THR A 316 8.12 -1.28 -26.46
C THR A 316 7.36 -0.01 -26.08
N LYS A 317 7.23 0.92 -27.04
CA LYS A 317 6.49 2.15 -26.83
C LYS A 317 5.62 2.44 -28.05
N GLU A 318 4.49 3.10 -27.80
CA GLU A 318 3.52 3.41 -28.84
C GLU A 318 3.29 4.91 -28.90
N ILE A 319 3.05 5.41 -30.11
CA ILE A 319 2.73 6.82 -30.34
C ILE A 319 1.46 6.83 -31.19
N TYR A 320 0.33 7.15 -30.58
CA TYR A 320 -0.96 7.18 -31.27
C TYR A 320 -1.19 8.60 -31.77
N THR A 321 -0.81 8.85 -33.03
CA THR A 321 -0.98 10.17 -33.62
C THR A 321 -2.36 10.29 -34.25
N HIS A 322 -3.09 11.34 -33.87
CA HIS A 322 -4.43 11.58 -34.37
C HIS A 322 -4.59 13.06 -34.72
N PHE A 323 -5.40 13.32 -35.73
CA PHE A 323 -5.76 14.68 -36.13
C PHE A 323 -7.15 15.00 -35.60
N THR A 324 -7.26 16.09 -34.85
CA THR A 324 -8.53 16.43 -34.22
C THR A 324 -9.56 16.87 -35.27
N CYS A 325 -10.83 16.72 -34.89
CA CYS A 325 -11.95 17.11 -35.75
C CYS A 325 -12.95 17.88 -34.92
N SER A 326 -13.65 18.82 -35.57
CA SER A 326 -14.65 19.61 -34.88
C SER A 326 -15.84 18.76 -34.42
N THR A 327 -16.17 17.71 -35.19
CA THR A 327 -17.27 16.85 -34.83
C THR A 327 -16.95 16.06 -33.56
N ASP A 328 -17.97 15.89 -32.71
CA ASP A 328 -17.80 15.17 -31.46
C ASP A 328 -17.71 13.67 -31.72
N THR A 329 -17.34 12.92 -30.67
CA THR A 329 -17.19 11.47 -30.73
C THR A 329 -16.19 11.05 -31.81
N LYS A 330 -15.12 11.83 -31.94
CA LYS A 330 -14.04 11.50 -32.86
C LYS A 330 -12.70 11.52 -32.13
N ASN A 331 -12.59 12.38 -31.12
CA ASN A 331 -11.40 12.43 -30.27
C ASN A 331 -11.52 11.49 -29.09
N VAL A 332 -12.68 11.46 -28.44
CA VAL A 332 -12.90 10.55 -27.32
C VAL A 332 -12.85 9.10 -27.79
N GLN A 333 -13.34 8.84 -29.02
CA GLN A 333 -13.26 7.50 -29.57
C GLN A 333 -11.79 7.07 -29.77
N PHE A 334 -10.96 7.98 -30.27
CA PHE A 334 -9.55 7.65 -30.44
C PHE A 334 -8.87 7.45 -29.09
N VAL A 335 -9.24 8.26 -28.10
CA VAL A 335 -8.69 8.09 -26.75
C VAL A 335 -9.07 6.72 -26.20
N PHE A 336 -10.32 6.33 -26.38
CA PHE A 336 -10.77 5.02 -25.90
C PHE A 336 -10.05 3.89 -26.61
N ASP A 337 -9.86 4.03 -27.92
CA ASP A 337 -9.13 2.99 -28.67
C ASP A 337 -7.70 2.86 -28.20
N ALA A 338 -7.01 3.99 -28.00
CA ALA A 338 -5.64 3.93 -27.50
C ALA A 338 -5.60 3.33 -26.09
N VAL A 339 -6.57 3.71 -25.24
CA VAL A 339 -6.60 3.20 -23.88
C VAL A 339 -6.82 1.69 -23.88
N THR A 340 -7.74 1.19 -24.69
CA THR A 340 -7.98 -0.25 -24.71
C THR A 340 -6.82 -1.00 -25.34
N ASP A 341 -6.11 -0.39 -26.31
CA ASP A 341 -4.91 -1.02 -26.82
C ASP A 341 -3.83 -1.14 -25.75
N VAL A 342 -3.65 -0.07 -24.96
CA VAL A 342 -2.67 -0.12 -23.88
C VAL A 342 -3.09 -1.14 -22.82
N ILE A 343 -4.39 -1.25 -22.56
CA ILE A 343 -4.88 -2.23 -21.59
C ILE A 343 -4.60 -3.64 -22.09
N ILE A 344 -4.83 -3.89 -23.39
CA ILE A 344 -4.53 -5.20 -23.96
C ILE A 344 -3.04 -5.50 -23.84
N LYS A 345 -2.19 -4.50 -24.14
CA LYS A 345 -0.75 -4.70 -24.03
C LYS A 345 -0.34 -5.03 -22.60
N ASN A 346 -0.91 -4.31 -21.62
CA ASN A 346 -0.58 -4.57 -20.22
C ASN A 346 -1.05 -5.94 -19.79
N ASN A 347 -2.25 -6.35 -20.22
CA ASN A 347 -2.75 -7.69 -19.88
C ASN A 347 -1.87 -8.77 -20.49
N LEU A 348 -1.43 -8.59 -21.73
CA LEU A 348 -0.54 -9.56 -22.36
C LEU A 348 0.79 -9.62 -21.62
N LYS A 349 1.32 -8.47 -21.20
CA LYS A 349 2.58 -8.44 -20.47
C LYS A 349 2.45 -9.16 -19.13
N ASP A 350 1.34 -8.91 -18.41
CA ASP A 350 1.12 -9.56 -17.12
C ASP A 350 0.95 -11.07 -17.29
N CYS A 351 0.22 -11.50 -18.32
CA CYS A 351 0.01 -12.92 -18.55
C CYS A 351 1.26 -13.65 -19.02
N GLY A 352 2.32 -12.92 -19.38
CA GLY A 352 3.56 -13.52 -19.82
C GLY A 352 3.66 -13.79 -21.30
N LEU A 353 2.60 -13.56 -22.07
CA LEU A 353 2.66 -13.76 -23.52
C LEU A 353 3.66 -12.81 -24.16
N PHE A 354 3.67 -11.55 -23.73
CA PHE A 354 4.59 -10.56 -24.26
C PHE A 354 5.46 -9.95 -23.17
N SER B 13 20.25 52.42 -6.77
CA SER B 13 21.11 52.97 -7.80
C SER B 13 21.19 52.05 -9.01
N GLU B 14 22.35 52.05 -9.68
CA GLU B 14 22.54 51.21 -10.84
C GLU B 14 22.64 49.74 -10.43
N LEU B 15 22.24 48.87 -11.35
CA LEU B 15 22.29 47.43 -11.09
C LEU B 15 23.72 46.95 -10.91
N ASP B 16 24.65 47.47 -11.72
CA ASP B 16 26.04 47.02 -11.64
C ASP B 16 26.66 47.38 -10.29
N GLN B 17 26.38 48.58 -9.78
CA GLN B 17 26.92 48.98 -8.50
C GLN B 17 26.39 48.10 -7.37
N LEU B 18 25.09 47.78 -7.40
CA LEU B 18 24.51 46.92 -6.38
C LEU B 18 25.07 45.50 -6.47
N ARG B 19 25.29 45.00 -7.68
CA ARG B 19 25.89 43.68 -7.84
C ARG B 19 27.32 43.65 -7.32
N GLN B 20 28.08 44.72 -7.58
CA GLN B 20 29.44 44.81 -7.05
C GLN B 20 29.41 44.85 -5.52
N GLU B 21 28.47 45.60 -4.94
CA GLU B 21 28.36 45.65 -3.48
C GLU B 21 28.00 44.29 -2.91
N ALA B 22 27.10 43.57 -3.57
CA ALA B 22 26.74 42.23 -3.11
C ALA B 22 27.92 41.27 -3.21
N GLU B 23 28.71 41.38 -4.28
CA GLU B 23 29.90 40.56 -4.42
C GLU B 23 30.91 40.87 -3.32
N GLN B 24 31.08 42.16 -2.99
CA GLN B 24 31.97 42.54 -1.91
C GLN B 24 31.49 41.99 -0.57
N LEU B 25 30.18 42.06 -0.32
CA LEU B 25 29.64 41.49 0.92
C LEU B 25 29.85 39.98 0.99
N LYS B 26 29.65 39.28 -0.13
CA LYS B 26 29.88 37.85 -0.15
C LYS B 26 31.35 37.52 0.09
N ASN B 27 32.25 38.30 -0.50
CA ASN B 27 33.68 38.10 -0.27
C ASN B 27 34.03 38.34 1.20
N GLN B 28 33.45 39.37 1.81
CA GLN B 28 33.70 39.63 3.22
C GLN B 28 33.17 38.49 4.09
N ILE B 29 32.00 37.97 3.76
CA ILE B 29 31.43 36.84 4.51
C ILE B 29 32.32 35.62 4.39
N ARG B 30 32.80 35.33 3.18
CA ARG B 30 33.69 34.18 2.99
C ARG B 30 34.99 34.36 3.74
N ASP B 31 35.55 35.56 3.74
CA ASP B 31 36.78 35.83 4.50
C ASP B 31 36.55 35.65 5.99
N ALA B 32 35.42 36.14 6.49
CA ALA B 32 35.11 35.98 7.92
C ALA B 32 34.96 34.51 8.28
N ARG B 33 34.29 33.73 7.42
CA ARG B 33 34.14 32.30 7.68
C ARG B 33 35.49 31.59 7.66
N LYS B 34 36.35 31.92 6.69
CA LYS B 34 37.64 31.26 6.58
C LYS B 34 38.54 31.61 7.74
N ALA B 35 38.56 32.88 8.16
CA ALA B 35 39.40 33.30 9.27
C ALA B 35 38.91 32.81 10.61
N CYS B 36 37.65 32.38 10.70
CA CYS B 36 37.08 31.89 11.95
C CYS B 36 37.15 30.37 12.08
N ALA B 37 37.78 29.70 11.12
CA ALA B 37 37.94 28.25 11.15
C ALA B 37 39.41 27.91 11.35
N ASP B 38 39.69 27.06 12.34
CA ASP B 38 41.06 26.66 12.66
C ASP B 38 41.25 25.15 12.70
N ALA B 39 40.30 24.40 13.23
CA ALA B 39 40.43 22.95 13.34
C ALA B 39 39.16 22.27 12.87
N THR B 40 39.32 21.25 12.02
CA THR B 40 38.19 20.52 11.49
C THR B 40 37.59 19.60 12.56
N LEU B 41 36.33 19.23 12.34
CA LEU B 41 35.64 18.34 13.29
C LEU B 41 36.27 16.96 13.30
N SER B 42 36.69 16.46 12.13
CA SER B 42 37.25 15.11 12.05
C SER B 42 38.53 14.99 12.86
N GLN B 43 39.43 15.97 12.74
CA GLN B 43 40.68 15.91 13.49
C GLN B 43 40.47 16.17 14.98
N ILE B 44 39.40 16.87 15.35
CA ILE B 44 39.08 17.04 16.76
C ILE B 44 38.57 15.73 17.35
N THR B 45 37.70 15.02 16.62
CA THR B 45 37.01 13.84 17.15
C THR B 45 37.68 12.54 16.76
N ASN B 46 38.85 12.57 16.12
CA ASN B 46 39.56 11.34 15.80
C ASN B 46 39.90 10.53 17.05
N ASN B 47 40.08 11.20 18.19
CA ASN B 47 40.41 10.51 19.43
C ASN B 47 39.23 9.74 20.02
N ILE B 48 38.02 9.93 19.51
CA ILE B 48 36.85 9.22 20.00
C ILE B 48 36.92 7.77 19.55
N ASP B 49 36.53 6.85 20.44
CA ASP B 49 36.48 5.45 20.07
C ASP B 49 35.41 5.24 19.00
N PRO B 50 35.66 4.38 18.02
CA PRO B 50 34.69 4.18 16.94
C PRO B 50 33.39 3.59 17.45
N VAL B 51 32.30 3.92 16.75
CA VAL B 51 30.98 3.37 17.09
C VAL B 51 30.96 1.86 16.86
N GLY B 52 31.49 1.41 15.73
CA GLY B 52 31.47 0.02 15.38
C GLY B 52 30.25 -0.36 14.54
N ARG B 53 30.21 -1.63 14.18
CA ARG B 53 29.12 -2.13 13.35
C ARG B 53 27.80 -2.10 14.12
N ILE B 54 26.74 -1.70 13.42
CA ILE B 54 25.40 -1.62 13.99
C ILE B 54 24.48 -2.51 13.18
N GLN B 55 23.76 -3.40 13.87
CA GLN B 55 22.83 -4.33 13.23
C GLN B 55 21.41 -3.97 13.65
N MET B 56 20.53 -3.79 12.67
CA MET B 56 19.13 -3.47 12.91
C MET B 56 18.25 -4.44 12.14
N ARG B 57 17.17 -4.88 12.77
CA ARG B 57 16.23 -5.82 12.18
C ARG B 57 14.86 -5.18 12.06
N THR B 58 14.05 -5.68 11.12
CA THR B 58 12.71 -5.17 10.91
C THR B 58 11.77 -5.69 11.99
N ARG B 59 11.64 -4.94 13.09
CA ARG B 59 10.76 -5.36 14.17
C ARG B 59 9.30 -5.39 13.73
N ARG B 60 8.88 -4.38 12.98
CA ARG B 60 7.51 -4.27 12.50
C ARG B 60 7.50 -3.95 11.01
N THR B 61 6.47 -4.43 10.33
CA THR B 61 6.26 -4.15 8.91
C THR B 61 4.81 -3.75 8.70
N LEU B 62 4.61 -2.75 7.83
CA LEU B 62 3.29 -2.22 7.53
C LEU B 62 3.04 -2.33 6.03
N ARG B 63 1.93 -2.97 5.66
CA ARG B 63 1.62 -3.23 4.26
C ARG B 63 0.15 -2.92 3.97
N GLY B 64 -0.36 -1.82 4.49
CA GLY B 64 -1.75 -1.46 4.28
C GLY B 64 -1.97 -0.53 3.09
N HIS B 65 -0.92 0.17 2.68
CA HIS B 65 -1.03 1.07 1.53
C HIS B 65 -1.03 0.27 0.23
N LEU B 66 -1.50 0.92 -0.84
CA LEU B 66 -1.53 0.31 -2.16
C LEU B 66 -0.90 1.19 -3.23
N ALA B 67 -0.05 2.15 -2.84
CA ALA B 67 0.60 3.03 -3.80
C ALA B 67 1.97 3.41 -3.22
N LYS B 68 2.57 4.45 -3.80
CA LYS B 68 3.90 4.89 -3.39
C LYS B 68 3.80 5.80 -2.18
N ILE B 69 4.49 5.44 -1.11
CA ILE B 69 4.50 6.25 0.12
C ILE B 69 5.49 7.38 -0.06
N TYR B 70 5.05 8.62 0.21
CA TYR B 70 5.89 9.79 0.02
C TYR B 70 6.28 10.49 1.31
N ALA B 71 5.55 10.27 2.40
CA ALA B 71 5.85 10.97 3.65
C ALA B 71 5.42 10.13 4.84
N MET B 72 6.02 10.43 5.99
CA MET B 72 5.73 9.75 7.24
C MET B 72 6.28 10.58 8.38
N HIS B 73 5.46 10.77 9.42
CA HIS B 73 5.83 11.57 10.58
C HIS B 73 5.52 10.80 11.85
N TRP B 74 6.32 11.03 12.88
CA TRP B 74 6.18 10.37 14.17
C TRP B 74 5.46 11.29 15.14
N GLY B 75 4.48 10.74 15.85
CA GLY B 75 3.81 11.49 16.90
C GLY B 75 4.69 11.62 18.14
N THR B 76 4.33 12.60 18.98
CA THR B 76 5.09 12.84 20.20
C THR B 76 4.89 11.75 21.25
N ASP B 77 3.88 10.91 21.09
CA ASP B 77 3.65 9.82 22.02
C ASP B 77 4.50 8.59 21.73
N SER B 78 5.28 8.59 20.65
CA SER B 78 6.15 7.49 20.26
C SER B 78 5.38 6.20 20.03
N ARG B 79 4.11 6.29 19.71
CA ARG B 79 3.27 5.12 19.50
C ARG B 79 2.54 5.14 18.16
N LEU B 80 2.11 6.31 17.70
CA LEU B 80 1.34 6.44 16.47
C LEU B 80 2.13 7.26 15.45
N LEU B 81 2.10 6.81 14.19
CA LEU B 81 2.72 7.52 13.09
C LEU B 81 1.76 7.58 11.92
N VAL B 82 1.79 8.69 11.20
CA VAL B 82 0.91 8.91 10.05
C VAL B 82 1.72 8.74 8.77
N SER B 83 1.13 8.03 7.81
CA SER B 83 1.77 7.77 6.53
C SER B 83 0.90 8.28 5.40
N ALA B 84 1.52 8.82 4.36
CA ALA B 84 0.83 9.37 3.20
C ALA B 84 1.31 8.65 1.94
N SER B 85 0.36 8.34 1.06
CA SER B 85 0.67 7.66 -0.19
C SER B 85 -0.24 8.19 -1.29
N GLN B 86 0.16 7.93 -2.53
CA GLN B 86 -0.55 8.48 -3.69
C GLN B 86 -1.92 7.86 -3.90
N ASP B 87 -2.26 6.80 -3.17
CA ASP B 87 -3.59 6.21 -3.29
C ASP B 87 -4.68 7.10 -2.71
N GLY B 88 -4.32 8.18 -2.02
CA GLY B 88 -5.31 9.06 -1.45
C GLY B 88 -5.77 8.70 -0.05
N LYS B 89 -4.99 7.90 0.68
CA LYS B 89 -5.34 7.47 2.03
C LYS B 89 -4.21 7.79 2.97
N LEU B 90 -4.54 8.41 4.10
CA LEU B 90 -3.61 8.62 5.20
C LEU B 90 -3.95 7.64 6.31
N ILE B 91 -2.96 6.87 6.75
CA ILE B 91 -3.16 5.81 7.74
C ILE B 91 -2.38 6.18 8.99
N ILE B 92 -3.06 6.13 10.14
CA ILE B 92 -2.43 6.34 11.44
C ILE B 92 -2.09 4.97 11.99
N TRP B 93 -0.82 4.59 11.87
CA TRP B 93 -0.38 3.25 12.25
C TRP B 93 -0.09 3.16 13.73
N ASP B 94 -0.46 2.02 14.32
CA ASP B 94 -0.09 1.70 15.69
C ASP B 94 1.21 0.89 15.65
N SER B 95 2.29 1.48 16.17
CA SER B 95 3.61 0.88 16.04
C SER B 95 3.69 -0.46 16.78
N TYR B 96 3.17 -0.51 18.00
CA TYR B 96 3.35 -1.71 18.82
C TYR B 96 2.51 -2.87 18.31
N THR B 97 1.24 -2.62 18.01
CA THR B 97 0.30 -3.68 17.68
C THR B 97 0.08 -3.86 16.18
N THR B 98 0.71 -3.04 15.35
CA THR B 98 0.54 -3.09 13.90
C THR B 98 -0.94 -2.99 13.52
N ASN B 99 -1.55 -1.89 13.93
CA ASN B 99 -2.96 -1.64 13.72
C ASN B 99 -3.16 -0.28 13.04
N LYS B 100 -4.29 -0.15 12.35
CA LYS B 100 -4.66 1.08 11.66
C LYS B 100 -5.66 1.82 12.54
N VAL B 101 -5.20 2.90 13.17
CA VAL B 101 -6.07 3.68 14.05
C VAL B 101 -7.14 4.41 13.24
N HIS B 102 -6.74 5.05 12.15
CA HIS B 102 -7.67 5.80 11.31
C HIS B 102 -7.22 5.71 9.85
N ALA B 103 -8.18 5.84 8.95
CA ALA B 103 -7.93 5.95 7.51
C ALA B 103 -8.57 7.23 7.02
N ILE B 104 -7.75 8.11 6.44
CA ILE B 104 -8.18 9.44 6.03
C ILE B 104 -8.34 9.43 4.51
N PRO B 105 -9.56 9.57 3.97
CA PRO B 105 -9.73 9.66 2.52
C PRO B 105 -9.51 11.08 2.03
N LEU B 106 -8.50 11.26 1.19
CA LEU B 106 -8.13 12.59 0.72
C LEU B 106 -8.99 13.01 -0.45
N ARG B 107 -9.38 14.29 -0.47
CA ARG B 107 -10.08 14.83 -1.62
C ARG B 107 -9.19 14.86 -2.85
N SER B 108 -7.91 15.20 -2.66
CA SER B 108 -6.92 15.19 -3.73
C SER B 108 -5.94 14.04 -3.47
N SER B 109 -5.77 13.17 -4.47
CA SER B 109 -4.92 11.99 -4.30
C SER B 109 -3.44 12.31 -4.37
N TRP B 110 -3.06 13.53 -4.74
CA TRP B 110 -1.65 13.90 -4.87
C TRP B 110 -1.17 14.48 -3.55
N VAL B 111 -0.44 13.68 -2.79
CA VAL B 111 0.10 14.09 -1.49
C VAL B 111 1.56 13.66 -1.43
N MET B 112 2.43 14.59 -1.00
CA MET B 112 3.85 14.29 -0.86
C MET B 112 4.41 14.77 0.48
N THR B 113 3.55 15.19 1.41
CA THR B 113 3.99 15.58 2.74
C THR B 113 2.87 15.34 3.73
N CYS B 114 3.25 14.99 4.96
CA CYS B 114 2.31 14.81 6.05
C CYS B 114 2.98 15.21 7.35
N ALA B 115 2.17 15.58 8.34
CA ALA B 115 2.69 16.01 9.63
C ALA B 115 1.71 15.60 10.72
N TYR B 116 2.23 15.43 11.93
CA TYR B 116 1.45 15.08 13.10
C TYR B 116 1.61 16.18 14.13
N ALA B 117 0.50 16.67 14.67
CA ALA B 117 0.55 17.73 15.66
C ALA B 117 1.20 17.22 16.94
N PRO B 118 1.94 18.08 17.65
CA PRO B 118 2.56 17.64 18.91
C PRO B 118 1.56 17.14 19.94
N SER B 119 0.37 17.72 19.98
CA SER B 119 -0.67 17.26 20.89
C SER B 119 -1.40 16.02 20.37
N GLY B 120 -1.25 15.70 19.09
CA GLY B 120 -1.89 14.53 18.52
C GLY B 120 -3.32 14.73 18.08
N ASN B 121 -3.89 15.93 18.27
CA ASN B 121 -5.28 16.16 17.90
C ASN B 121 -5.47 16.34 16.40
N TYR B 122 -4.47 16.87 15.70
CA TYR B 122 -4.60 17.22 14.29
C TYR B 122 -3.49 16.58 13.47
N VAL B 123 -3.77 16.40 12.18
CA VAL B 123 -2.79 15.96 11.21
C VAL B 123 -2.90 16.85 9.98
N ALA B 124 -1.84 16.89 9.19
CA ALA B 124 -1.78 17.72 7.99
C ALA B 124 -1.28 16.89 6.82
N CYS B 125 -1.76 17.23 5.62
CA CYS B 125 -1.32 16.59 4.39
C CYS B 125 -1.23 17.63 3.27
N GLY B 126 -0.35 17.36 2.32
CA GLY B 126 -0.17 18.25 1.20
C GLY B 126 0.60 17.58 0.08
N GLY B 127 0.50 18.16 -1.11
CA GLY B 127 1.14 17.59 -2.27
C GLY B 127 1.13 18.51 -3.48
N LEU B 128 0.79 17.97 -4.64
CA LEU B 128 0.72 18.79 -5.85
C LEU B 128 -0.31 19.90 -5.71
N ASP B 129 -1.46 19.60 -5.10
CA ASP B 129 -2.42 20.64 -4.80
C ASP B 129 -1.83 21.61 -3.77
N ASN B 130 -2.19 22.88 -3.91
CA ASN B 130 -1.58 23.95 -3.13
C ASN B 130 -2.20 24.11 -1.75
N ILE B 131 -2.85 23.08 -1.20
CA ILE B 131 -3.53 23.16 0.08
C ILE B 131 -2.89 22.19 1.06
N CYS B 132 -2.58 22.68 2.26
CA CYS B 132 -2.16 21.84 3.37
C CYS B 132 -3.39 21.64 4.25
N SER B 133 -4.17 20.60 3.95
CA SER B 133 -5.39 20.34 4.67
C SER B 133 -5.09 19.88 6.10
N ILE B 134 -5.92 20.31 7.04
CA ILE B 134 -5.81 19.92 8.44
C ILE B 134 -7.03 19.06 8.79
N TYR B 135 -6.77 17.89 9.38
CA TYR B 135 -7.83 16.97 9.79
C TYR B 135 -7.85 16.87 11.31
N ASN B 136 -9.05 16.89 11.88
CA ASN B 136 -9.25 16.77 13.31
C ASN B 136 -9.51 15.32 13.66
N LEU B 137 -8.68 14.76 14.55
CA LEU B 137 -8.77 13.36 14.94
C LEU B 137 -9.61 13.13 16.19
N LYS B 138 -10.10 14.19 16.83
CA LYS B 138 -10.83 14.09 18.08
C LYS B 138 -12.24 14.66 17.95
N THR B 139 -12.89 14.38 16.82
CA THR B 139 -14.25 14.86 16.60
C THR B 139 -15.24 14.07 17.46
N ARG B 140 -16.29 14.76 17.90
CA ARG B 140 -17.32 14.11 18.69
C ARG B 140 -18.11 13.08 17.88
N GLU B 141 -18.30 13.34 16.59
CA GLU B 141 -19.04 12.42 15.73
C GLU B 141 -18.28 11.12 15.47
N GLY B 142 -16.99 11.06 15.82
CA GLY B 142 -16.21 9.84 15.64
C GLY B 142 -15.56 9.70 14.29
N ASN B 143 -15.80 10.61 13.36
CA ASN B 143 -15.20 10.57 12.03
C ASN B 143 -14.34 11.81 11.82
N VAL B 144 -13.25 11.63 11.06
CA VAL B 144 -12.34 12.73 10.80
C VAL B 144 -12.98 13.72 9.84
N ARG B 145 -12.70 15.00 10.04
CA ARG B 145 -13.24 16.08 9.21
C ARG B 145 -12.13 17.05 8.86
N VAL B 146 -12.31 17.75 7.74
CA VAL B 146 -11.34 18.73 7.26
C VAL B 146 -11.57 20.00 8.07
N SER B 147 -10.70 20.25 9.04
CA SER B 147 -10.87 21.41 9.91
C SER B 147 -10.57 22.72 9.17
N ARG B 148 -9.51 22.74 8.37
CA ARG B 148 -9.12 23.95 7.67
C ARG B 148 -8.41 23.58 6.38
N GLU B 149 -8.49 24.48 5.39
CA GLU B 149 -7.80 24.31 4.12
C GLU B 149 -7.05 25.60 3.81
N LEU B 150 -5.73 25.52 3.75
CA LEU B 150 -4.87 26.67 3.50
C LEU B 150 -4.56 26.76 2.02
N ALA B 151 -5.08 27.79 1.36
CA ALA B 151 -5.01 27.92 -0.10
C ALA B 151 -4.39 29.26 -0.49
N GLY B 152 -3.26 29.59 0.13
CA GLY B 152 -2.58 30.83 -0.18
C GLY B 152 -1.35 30.67 -1.03
N HIS B 153 -0.91 29.43 -1.22
CA HIS B 153 0.28 29.17 -2.02
C HIS B 153 -0.07 29.09 -3.51
N THR B 154 0.95 29.34 -4.33
CA THR B 154 0.79 29.31 -5.78
C THR B 154 1.57 28.17 -6.45
N GLY B 155 2.42 27.46 -5.71
CA GLY B 155 3.17 26.34 -6.23
C GLY B 155 2.83 25.05 -5.51
N TYR B 156 3.46 23.98 -5.97
CA TYR B 156 3.25 22.67 -5.37
C TYR B 156 3.80 22.64 -3.95
N LEU B 157 3.07 21.96 -3.07
CA LEU B 157 3.44 21.89 -1.67
C LEU B 157 4.56 20.87 -1.47
N SER B 158 5.48 21.20 -0.56
CA SER B 158 6.61 20.33 -0.27
C SER B 158 6.60 19.80 1.16
N CYS B 159 6.36 20.65 2.16
CA CYS B 159 6.33 20.22 3.55
C CYS B 159 5.65 21.29 4.39
N CYS B 160 4.57 20.93 5.07
CA CYS B 160 3.96 21.77 6.09
C CYS B 160 3.99 21.02 7.42
N ARG B 161 4.64 21.61 8.42
CA ARG B 161 4.86 20.96 9.70
C ARG B 161 4.26 21.80 10.82
N PHE B 162 3.62 21.12 11.77
CA PHE B 162 2.93 21.79 12.86
C PHE B 162 3.91 22.39 13.87
N LEU B 163 3.49 23.50 14.47
CA LEU B 163 4.17 24.09 15.61
C LEU B 163 3.35 23.96 16.88
N ASP B 164 2.03 24.17 16.78
CA ASP B 164 1.11 23.98 17.88
C ASP B 164 -0.23 23.57 17.28
N ASP B 165 -1.31 23.72 18.05
CA ASP B 165 -2.65 23.42 17.55
C ASP B 165 -3.25 24.55 16.75
N ASN B 166 -2.56 25.68 16.61
CA ASN B 166 -3.09 26.83 15.90
C ASN B 166 -2.12 27.40 14.88
N GLN B 167 -0.87 26.95 14.85
CA GLN B 167 0.13 27.48 13.93
C GLN B 167 0.83 26.32 13.21
N ILE B 168 1.24 26.59 11.98
CA ILE B 168 1.91 25.60 11.13
C ILE B 168 2.70 26.34 10.07
N VAL B 169 3.94 25.92 9.86
CA VAL B 169 4.79 26.50 8.82
C VAL B 169 4.74 25.61 7.58
N THR B 170 4.43 26.21 6.44
CA THR B 170 4.26 25.49 5.19
C THR B 170 5.31 25.92 4.19
N SER B 171 5.94 24.93 3.54
CA SER B 171 6.91 25.17 2.48
C SER B 171 6.33 24.65 1.17
N SER B 172 6.33 25.49 0.14
CA SER B 172 5.75 25.16 -1.15
C SER B 172 6.78 25.37 -2.26
N GLY B 173 6.36 25.08 -3.48
CA GLY B 173 7.21 25.19 -4.65
C GLY B 173 7.31 26.56 -5.27
N ASP B 174 6.65 27.57 -4.69
CA ASP B 174 6.73 28.93 -5.18
C ASP B 174 7.88 29.72 -4.56
N THR B 175 8.92 29.02 -4.09
CA THR B 175 10.13 29.59 -3.50
C THR B 175 9.86 30.40 -2.24
N THR B 176 8.68 30.25 -1.64
CA THR B 176 8.30 31.02 -0.46
C THR B 176 7.75 30.11 0.61
N CYS B 177 8.11 30.39 1.86
CA CYS B 177 7.55 29.71 3.01
C CYS B 177 6.55 30.61 3.71
N ALA B 178 5.61 30.00 4.43
CA ALA B 178 4.53 30.73 5.08
C ALA B 178 4.32 30.22 6.49
N LEU B 179 3.80 31.09 7.34
CA LEU B 179 3.42 30.77 8.72
C LEU B 179 1.91 30.91 8.81
N TRP B 180 1.21 29.79 8.68
CA TRP B 180 -0.24 29.79 8.64
C TRP B 180 -0.83 29.82 10.05
N ASP B 181 -2.02 30.42 10.16
CA ASP B 181 -2.80 30.41 11.39
C ASP B 181 -4.03 29.53 11.16
N ILE B 182 -4.18 28.49 11.97
CA ILE B 182 -5.28 27.55 11.76
C ILE B 182 -6.63 28.20 12.01
N GLU B 183 -6.73 29.02 13.07
CA GLU B 183 -8.01 29.61 13.42
C GLU B 183 -8.53 30.54 12.33
N THR B 184 -7.66 31.35 11.75
CA THR B 184 -8.08 32.33 10.75
C THR B 184 -7.83 31.88 9.31
N GLY B 185 -6.96 30.90 9.10
CA GLY B 185 -6.66 30.44 7.76
C GLY B 185 -5.98 31.47 6.88
N GLN B 186 -5.03 32.23 7.44
CA GLN B 186 -4.32 33.26 6.71
C GLN B 186 -2.83 33.17 7.02
N GLN B 187 -2.01 33.65 6.08
CA GLN B 187 -0.57 33.63 6.24
C GLN B 187 -0.14 34.76 7.17
N THR B 188 0.19 34.41 8.42
CA THR B 188 0.66 35.40 9.37
C THR B 188 2.00 36.00 8.92
N THR B 189 2.91 35.16 8.45
CA THR B 189 4.22 35.61 8.01
C THR B 189 4.62 34.83 6.77
N THR B 190 5.22 35.52 5.81
CA THR B 190 5.67 34.93 4.56
C THR B 190 7.17 35.17 4.40
N PHE B 191 7.90 34.12 4.07
CA PHE B 191 9.35 34.18 3.89
C PHE B 191 9.64 34.07 2.40
N THR B 192 10.30 35.08 1.84
CA THR B 192 10.53 35.17 0.41
C THR B 192 12.02 35.32 0.08
N GLY B 193 12.90 34.77 0.92
CA GLY B 193 14.32 34.90 0.68
C GLY B 193 14.90 33.88 -0.28
N HIS B 194 14.24 32.74 -0.45
CA HIS B 194 14.75 31.70 -1.34
C HIS B 194 14.54 32.06 -2.80
N THR B 195 15.44 31.59 -3.65
CA THR B 195 15.32 31.74 -5.09
C THR B 195 14.80 30.48 -5.77
N GLY B 196 15.14 29.30 -5.24
CA GLY B 196 14.60 28.05 -5.72
C GLY B 196 13.45 27.55 -4.84
N ASP B 197 12.71 26.60 -5.40
CA ASP B 197 11.57 26.04 -4.68
C ASP B 197 12.02 25.25 -3.46
N VAL B 198 11.36 25.49 -2.34
CA VAL B 198 11.71 24.82 -1.08
C VAL B 198 11.21 23.38 -1.15
N MET B 199 12.01 22.46 -0.61
CA MET B 199 11.69 21.03 -0.65
C MET B 199 11.49 20.42 0.73
N SER B 200 12.32 20.74 1.71
CA SER B 200 12.25 20.14 3.03
C SER B 200 12.22 21.21 4.10
N LEU B 201 11.69 20.84 5.27
CA LEU B 201 11.55 21.75 6.39
C LEU B 201 11.90 21.01 7.68
N SER B 202 12.40 21.77 8.66
CA SER B 202 12.74 21.22 9.96
C SER B 202 12.58 22.31 11.01
N LEU B 203 12.26 21.89 12.24
CA LEU B 203 12.00 22.81 13.33
C LEU B 203 12.98 22.56 14.48
N ALA B 204 13.37 23.64 15.15
CA ALA B 204 14.24 23.56 16.30
C ALA B 204 13.47 23.09 17.52
N PRO B 205 14.15 22.47 18.50
CA PRO B 205 13.43 22.00 19.70
C PRO B 205 12.72 23.10 20.46
N ASP B 206 13.29 24.31 20.50
CA ASP B 206 12.64 25.41 21.22
C ASP B 206 11.52 26.06 20.43
N THR B 207 11.35 25.69 19.16
CA THR B 207 10.28 26.19 18.29
C THR B 207 10.31 27.72 18.22
N ARG B 208 11.49 28.24 17.88
CA ARG B 208 11.66 29.68 17.71
C ARG B 208 12.29 30.00 16.36
N LEU B 209 13.11 29.08 15.86
CA LEU B 209 13.76 29.22 14.57
C LEU B 209 13.63 27.93 13.78
N PHE B 210 13.59 28.05 12.46
CA PHE B 210 13.54 26.89 11.58
C PHE B 210 14.39 27.14 10.36
N VAL B 211 14.92 26.06 9.79
CA VAL B 211 15.78 26.11 8.62
C VAL B 211 15.14 25.30 7.51
N SER B 212 15.15 25.85 6.29
CA SER B 212 14.52 25.22 5.13
C SER B 212 15.54 25.10 4.01
N GLY B 213 15.45 24.00 3.26
CA GLY B 213 16.33 23.77 2.13
C GLY B 213 15.60 23.78 0.81
N ALA B 214 16.10 24.56 -0.15
CA ALA B 214 15.49 24.70 -1.46
C ALA B 214 16.37 24.07 -2.53
N CYS B 215 15.95 24.20 -3.79
CA CYS B 215 16.65 23.61 -4.92
C CYS B 215 17.80 24.48 -5.42
N ASP B 216 18.01 25.66 -4.83
CA ASP B 216 19.11 26.53 -5.22
C ASP B 216 20.41 26.21 -4.52
N ALA B 217 20.55 24.99 -3.98
CA ALA B 217 21.75 24.53 -3.29
C ALA B 217 22.10 25.45 -2.12
N SER B 218 21.08 25.89 -1.39
CA SER B 218 21.29 26.76 -0.24
C SER B 218 20.23 26.48 0.81
N ALA B 219 20.62 26.55 2.07
CA ALA B 219 19.71 26.39 3.21
C ALA B 219 19.72 27.68 4.02
N LYS B 220 18.54 28.17 4.37
CA LYS B 220 18.38 29.43 5.08
C LYS B 220 17.70 29.20 6.42
N LEU B 221 18.18 29.89 7.45
CA LEU B 221 17.61 29.84 8.79
C LEU B 221 16.67 31.02 8.96
N TRP B 222 15.45 30.74 9.42
CA TRP B 222 14.41 31.75 9.55
C TRP B 222 13.98 31.89 11.01
N ASP B 223 13.40 33.04 11.32
CA ASP B 223 12.86 33.32 12.64
C ASP B 223 11.33 33.29 12.55
N VAL B 224 10.70 32.50 13.43
CA VAL B 224 9.25 32.37 13.40
C VAL B 224 8.58 33.69 13.78
N ARG B 225 9.09 34.35 14.83
CA ARG B 225 8.45 35.58 15.31
C ARG B 225 8.77 36.75 14.38
N GLU B 226 10.05 37.03 14.18
CA GLU B 226 10.45 38.20 13.40
C GLU B 226 10.11 38.00 11.92
N GLY B 227 10.71 36.98 11.30
CA GLY B 227 10.34 36.63 9.95
C GLY B 227 11.32 37.03 8.86
N MET B 228 12.62 36.89 9.12
CA MET B 228 13.63 37.13 8.11
C MET B 228 14.73 36.09 8.21
N CYS B 229 15.47 35.93 7.12
CA CYS B 229 16.56 34.95 7.04
C CYS B 229 17.77 35.48 7.80
N ARG B 230 18.05 34.89 8.97
CA ARG B 230 19.21 35.32 9.75
C ARG B 230 20.51 34.84 9.11
N GLN B 231 20.56 33.58 8.69
CA GLN B 231 21.77 33.00 8.11
C GLN B 231 21.40 32.14 6.91
N THR B 232 22.34 32.04 5.98
CA THR B 232 22.20 31.17 4.81
C THR B 232 23.49 30.39 4.62
N PHE B 233 23.35 29.16 4.12
CA PHE B 233 24.48 28.26 3.92
C PHE B 233 24.48 27.77 2.48
N THR B 234 25.62 27.86 1.81
CA THR B 234 25.77 27.50 0.40
C THR B 234 26.89 26.48 0.24
N GLY B 235 26.89 25.45 1.08
CA GLY B 235 27.91 24.43 1.04
C GLY B 235 27.67 23.30 0.05
N HIS B 236 26.48 23.23 -0.55
CA HIS B 236 26.17 22.16 -1.48
C HIS B 236 26.40 22.61 -2.92
N GLU B 237 26.17 21.68 -3.85
CA GLU B 237 26.32 21.97 -5.27
C GLU B 237 25.21 21.40 -6.13
N SER B 238 24.11 20.93 -5.54
CA SER B 238 23.00 20.38 -6.29
C SER B 238 21.72 20.65 -5.51
N ASP B 239 20.62 20.04 -5.93
CA ASP B 239 19.34 20.24 -5.26
C ASP B 239 19.38 19.64 -3.85
N ILE B 240 18.57 20.22 -2.97
CA ILE B 240 18.45 19.77 -1.59
C ILE B 240 17.07 19.17 -1.40
N ASN B 241 17.02 17.92 -0.96
CA ASN B 241 15.76 17.20 -0.79
C ASN B 241 15.44 16.85 0.65
N ALA B 242 16.44 16.83 1.53
CA ALA B 242 16.23 16.45 2.93
C ALA B 242 16.98 17.40 3.84
N ILE B 243 16.44 17.60 5.04
CA ILE B 243 17.10 18.40 6.07
C ILE B 243 16.56 17.97 7.42
N CYS B 244 17.40 18.04 8.44
CA CYS B 244 17.01 17.68 9.79
C CYS B 244 17.75 18.56 10.78
N PHE B 245 17.17 18.73 11.97
CA PHE B 245 17.72 19.59 13.00
C PHE B 245 18.31 18.74 14.12
N PHE B 246 19.51 19.10 14.56
CA PHE B 246 20.16 18.38 15.64
C PHE B 246 19.36 18.55 16.93
N PRO B 247 19.30 17.52 17.78
CA PRO B 247 18.55 17.68 19.04
C PRO B 247 19.06 18.79 19.92
N ASN B 248 20.36 19.10 19.87
CA ASN B 248 20.89 20.24 20.62
C ASN B 248 20.29 21.55 20.13
N GLY B 249 20.12 21.68 18.81
CA GLY B 249 19.58 22.88 18.23
C GLY B 249 20.61 23.87 17.71
N ASN B 250 21.90 23.58 17.86
CA ASN B 250 22.96 24.46 17.40
C ASN B 250 23.57 23.99 16.08
N ALA B 251 23.00 22.97 15.45
CA ALA B 251 23.53 22.43 14.21
C ALA B 251 22.41 21.74 13.46
N PHE B 252 22.65 21.47 12.18
CA PHE B 252 21.68 20.76 11.35
C PHE B 252 22.40 20.12 10.17
N ALA B 253 21.90 18.96 9.75
CA ALA B 253 22.45 18.22 8.62
C ALA B 253 21.39 18.12 7.53
N THR B 254 21.81 18.30 6.28
CA THR B 254 20.89 18.26 5.14
C THR B 254 21.46 17.37 4.04
N GLY B 255 20.57 16.74 3.28
CA GLY B 255 20.97 15.91 2.17
C GLY B 255 20.98 16.68 0.85
N SER B 256 21.34 15.97 -0.21
CA SER B 256 21.43 16.56 -1.54
C SER B 256 21.41 15.44 -2.57
N ASP B 257 21.41 15.83 -3.84
CA ASP B 257 21.36 14.89 -4.96
C ASP B 257 22.74 14.45 -5.43
N ASP B 258 23.82 15.00 -4.88
CA ASP B 258 25.17 14.65 -5.28
C ASP B 258 25.81 13.64 -4.34
N ALA B 259 25.00 12.80 -3.69
CA ALA B 259 25.48 11.74 -2.80
C ALA B 259 26.32 12.29 -1.65
N THR B 260 26.03 13.51 -1.21
CA THR B 260 26.75 14.13 -0.12
C THR B 260 25.77 14.69 0.90
N CYS B 261 26.03 14.40 2.18
CA CYS B 261 25.27 14.96 3.29
C CYS B 261 26.21 15.83 4.10
N ARG B 262 25.82 17.08 4.32
CA ARG B 262 26.66 18.04 5.03
C ARG B 262 26.01 18.46 6.34
N LEU B 263 26.83 18.57 7.38
CA LEU B 263 26.38 18.96 8.72
C LEU B 263 26.80 20.40 8.95
N PHE B 264 25.84 21.31 8.94
CA PHE B 264 26.10 22.72 9.21
C PHE B 264 25.78 23.03 10.67
N ASP B 265 26.27 24.19 11.13
CA ASP B 265 26.01 24.66 12.47
C ASP B 265 25.61 26.13 12.41
N LEU B 266 24.89 26.58 13.44
CA LEU B 266 24.33 27.91 13.45
C LEU B 266 25.23 28.96 14.10
N ARG B 267 26.00 28.58 15.11
CA ARG B 267 26.79 29.55 15.85
C ARG B 267 28.15 29.82 15.23
N ALA B 268 28.54 29.09 14.18
CA ALA B 268 29.74 29.39 13.41
C ALA B 268 29.45 29.70 11.95
N ASP B 269 28.28 29.33 11.43
CA ASP B 269 27.84 29.67 10.08
C ASP B 269 28.82 29.12 9.03
N GLN B 270 29.05 27.82 9.10
CA GLN B 270 29.92 27.13 8.14
C GLN B 270 29.64 25.63 8.22
N GLU B 271 30.20 24.89 7.27
CA GLU B 271 30.01 23.45 7.20
C GLU B 271 31.08 22.76 8.03
N LEU B 272 30.64 22.02 9.05
CA LEU B 272 31.59 21.32 9.91
C LEU B 272 32.27 20.18 9.17
N MET B 273 31.49 19.34 8.50
CA MET B 273 32.04 18.21 7.76
C MET B 273 30.96 17.70 6.81
N THR B 274 31.37 16.80 5.92
CA THR B 274 30.47 16.21 4.93
C THR B 274 30.56 14.70 4.98
N TYR B 275 29.46 14.05 4.64
CA TYR B 275 29.37 12.58 4.60
C TYR B 275 29.17 12.14 3.17
N SER B 276 30.11 11.35 2.65
CA SER B 276 30.04 10.89 1.28
C SER B 276 30.90 9.63 1.15
N HIS B 277 30.64 8.88 0.07
CA HIS B 277 31.40 7.67 -0.21
C HIS B 277 31.42 7.44 -1.71
N ASP B 278 32.53 6.88 -2.20
CA ASP B 278 32.68 6.65 -3.64
C ASP B 278 31.68 5.62 -4.15
N ASN B 279 31.33 4.63 -3.33
CA ASN B 279 30.36 3.62 -3.74
C ASN B 279 28.99 4.27 -3.97
N ILE B 280 28.60 5.20 -3.11
CA ILE B 280 27.29 5.85 -3.21
C ILE B 280 27.36 6.90 -4.31
N ILE B 281 26.45 6.81 -5.27
CA ILE B 281 26.35 7.79 -6.34
C ILE B 281 24.97 8.45 -6.41
N CYS B 282 23.96 7.88 -5.78
CA CYS B 282 22.61 8.43 -5.80
C CYS B 282 22.44 9.49 -4.72
N GLY B 283 21.39 10.30 -4.87
CA GLY B 283 21.12 11.40 -3.98
C GLY B 283 20.52 10.93 -2.66
N ILE B 284 20.22 11.92 -1.81
CA ILE B 284 19.66 11.69 -0.49
C ILE B 284 18.21 12.18 -0.50
N THR B 285 17.30 11.34 -0.02
CA THR B 285 15.88 11.67 0.02
C THR B 285 15.40 12.09 1.40
N SER B 286 15.82 11.41 2.46
CA SER B 286 15.38 11.72 3.81
C SER B 286 16.58 11.72 4.75
N VAL B 287 16.57 12.66 5.70
CA VAL B 287 17.62 12.78 6.71
C VAL B 287 16.96 12.91 8.07
N SER B 288 17.41 12.11 9.03
CA SER B 288 16.89 12.18 10.39
C SER B 288 18.04 11.93 11.37
N PHE B 289 17.86 12.45 12.58
CA PHE B 289 18.85 12.33 13.66
C PHE B 289 18.28 11.51 14.81
N SER B 290 19.14 10.76 15.48
CA SER B 290 18.75 10.04 16.68
C SER B 290 18.68 11.00 17.87
N LYS B 291 18.25 10.45 19.02
CA LYS B 291 18.17 11.27 20.23
C LYS B 291 19.54 11.78 20.64
N SER B 292 20.56 10.93 20.58
CA SER B 292 21.90 11.35 20.96
C SER B 292 22.55 12.22 19.89
N GLY B 293 22.16 12.03 18.64
CA GLY B 293 22.79 12.72 17.53
C GLY B 293 24.04 12.06 17.01
N ARG B 294 24.47 10.96 17.62
CA ARG B 294 25.66 10.25 17.16
C ARG B 294 25.41 9.59 15.80
N LEU B 295 24.21 9.04 15.61
CA LEU B 295 23.86 8.34 14.39
C LEU B 295 23.02 9.23 13.49
N LEU B 296 23.43 9.34 12.22
CA LEU B 296 22.71 10.12 11.22
C LEU B 296 22.19 9.16 10.15
N LEU B 297 20.89 8.87 10.20
CA LEU B 297 20.26 7.97 9.25
C LEU B 297 19.76 8.79 8.07
N ALA B 298 20.37 8.57 6.90
CA ALA B 298 20.05 9.31 5.69
C ALA B 298 19.53 8.36 4.63
N GLY B 299 18.38 8.70 4.05
CA GLY B 299 17.84 7.91 2.96
C GLY B 299 18.57 8.15 1.66
N TYR B 300 18.36 7.25 0.71
CA TYR B 300 19.02 7.32 -0.58
C TYR B 300 18.08 6.81 -1.66
N ASP B 301 18.40 7.13 -2.91
CA ASP B 301 17.56 6.71 -4.03
C ASP B 301 17.51 5.20 -4.17
N ASP B 302 18.65 4.53 -3.96
CA ASP B 302 18.66 3.08 -4.03
C ASP B 302 17.91 2.48 -2.85
N PHE B 303 17.70 1.16 -2.92
CA PHE B 303 16.79 0.47 -2.02
C PHE B 303 17.25 0.47 -0.57
N ASN B 304 18.52 0.73 -0.30
CA ASN B 304 19.06 0.63 1.06
C ASN B 304 19.13 2.00 1.73
N CYS B 305 19.29 1.97 3.05
CA CYS B 305 19.47 3.16 3.86
C CYS B 305 20.75 3.03 4.67
N ASN B 306 21.42 4.15 4.89
CA ASN B 306 22.71 4.18 5.55
C ASN B 306 22.63 4.91 6.89
N VAL B 307 23.43 4.45 7.85
CA VAL B 307 23.57 5.07 9.15
C VAL B 307 24.99 5.62 9.24
N TRP B 308 25.12 6.91 9.47
CA TRP B 308 26.41 7.57 9.47
C TRP B 308 26.82 7.99 10.88
N ASP B 309 28.11 7.88 11.15
CA ASP B 309 28.68 8.38 12.40
C ASP B 309 28.85 9.89 12.28
N ALA B 310 28.10 10.63 13.09
CA ALA B 310 28.06 12.09 12.94
C ALA B 310 29.41 12.73 13.23
N LEU B 311 30.12 12.27 14.26
CA LEU B 311 31.37 12.89 14.67
C LEU B 311 32.60 12.29 13.98
N LYS B 312 32.42 11.25 13.15
CA LYS B 312 33.55 10.62 12.48
C LYS B 312 33.33 10.36 11.00
N ALA B 313 32.12 10.57 10.47
CA ALA B 313 31.82 10.37 9.05
C ALA B 313 32.18 8.96 8.60
N ASP B 314 31.76 7.96 9.38
CA ASP B 314 32.01 6.56 9.08
C ASP B 314 30.69 5.83 8.90
N ARG B 315 30.71 4.82 8.03
CA ARG B 315 29.53 4.00 7.75
C ARG B 315 29.27 3.08 8.93
N ALA B 316 28.37 3.51 9.82
CA ALA B 316 28.08 2.70 11.00
C ALA B 316 27.30 1.44 10.64
N GLY B 317 26.31 1.56 9.76
CA GLY B 317 25.52 0.40 9.36
C GLY B 317 24.71 0.72 8.13
N VAL B 318 24.14 -0.34 7.55
CA VAL B 318 23.34 -0.26 6.34
C VAL B 318 21.99 -0.94 6.60
N LEU B 319 20.92 -0.25 6.25
CA LEU B 319 19.56 -0.78 6.35
C LEU B 319 19.06 -1.03 4.93
N ALA B 320 19.03 -2.30 4.52
CA ALA B 320 18.67 -2.65 3.15
C ALA B 320 17.44 -3.54 3.10
N GLY B 321 16.42 -3.22 3.87
CA GLY B 321 15.20 -4.00 3.89
C GLY B 321 14.20 -3.71 2.80
N HIS B 322 14.36 -2.60 2.09
CA HIS B 322 13.42 -2.21 1.05
C HIS B 322 13.90 -2.67 -0.32
N ASP B 323 13.01 -2.57 -1.30
CA ASP B 323 13.31 -2.96 -2.68
C ASP B 323 12.94 -1.88 -3.69
N ASN B 324 12.74 -0.64 -3.25
CA ASN B 324 12.40 0.46 -4.15
C ASN B 324 12.97 1.75 -3.57
N ARG B 325 12.61 2.88 -4.17
CA ARG B 325 13.12 4.17 -3.73
C ARG B 325 12.61 4.50 -2.33
N VAL B 326 13.53 4.79 -1.42
CA VAL B 326 13.16 5.19 -0.07
C VAL B 326 12.81 6.68 -0.07
N SER B 327 11.62 7.00 0.44
CA SER B 327 11.11 8.36 0.39
C SER B 327 11.12 9.05 1.75
N CYS B 328 10.56 8.42 2.78
CA CYS B 328 10.41 9.04 4.09
C CYS B 328 11.14 8.20 5.14
N LEU B 329 11.89 8.90 5.99
CA LEU B 329 12.58 8.28 7.13
C LEU B 329 12.38 9.16 8.35
N GLY B 330 12.14 8.53 9.50
CA GLY B 330 11.90 9.28 10.71
C GLY B 330 12.34 8.52 11.94
N VAL B 331 12.69 9.27 12.98
CA VAL B 331 13.12 8.72 14.26
C VAL B 331 12.20 9.27 15.34
N THR B 332 11.70 8.39 16.20
CA THR B 332 10.77 8.79 17.24
C THR B 332 11.45 9.67 18.29
N ASP B 333 10.62 10.32 19.11
CA ASP B 333 11.15 11.27 20.10
C ASP B 333 12.05 10.58 21.11
N ASP B 334 11.65 9.41 21.59
CA ASP B 334 12.45 8.68 22.56
C ASP B 334 13.56 7.85 21.91
N GLY B 335 13.63 7.81 20.59
CA GLY B 335 14.68 7.09 19.90
C GLY B 335 14.62 5.59 20.03
N MET B 336 13.46 5.03 20.39
CA MET B 336 13.36 3.59 20.57
C MET B 336 13.47 2.85 19.24
N ALA B 337 12.92 3.42 18.17
CA ALA B 337 12.89 2.74 16.89
C ALA B 337 12.96 3.77 15.76
N VAL B 338 13.30 3.29 14.57
CA VAL B 338 13.38 4.11 13.37
C VAL B 338 12.46 3.52 12.32
N ALA B 339 11.62 4.36 11.72
CA ALA B 339 10.69 3.94 10.68
C ALA B 339 11.19 4.43 9.33
N THR B 340 11.21 3.51 8.35
CA THR B 340 11.65 3.82 7.00
C THR B 340 10.51 3.51 6.04
N GLY B 341 10.19 4.47 5.18
CA GLY B 341 9.15 4.31 4.18
C GLY B 341 9.72 4.44 2.78
N SER B 342 9.20 3.64 1.85
CA SER B 342 9.68 3.62 0.48
C SER B 342 8.50 3.61 -0.47
N TRP B 343 8.80 3.49 -1.76
CA TRP B 343 7.78 3.50 -2.80
C TRP B 343 7.18 2.13 -3.07
N ASP B 344 7.62 1.09 -2.36
CA ASP B 344 7.09 -0.26 -2.53
C ASP B 344 5.86 -0.51 -1.66
N SER B 345 5.19 0.54 -1.21
CA SER B 345 3.97 0.45 -0.40
C SER B 345 4.19 -0.25 0.93
N PHE B 346 5.43 -0.28 1.41
CA PHE B 346 5.78 -0.98 2.64
C PHE B 346 6.44 -0.01 3.61
N LEU B 347 6.02 -0.07 4.87
CA LEU B 347 6.63 0.70 5.95
C LEU B 347 7.25 -0.28 6.95
N LYS B 348 8.53 -0.05 7.27
CA LYS B 348 9.28 -0.94 8.14
C LYS B 348 9.80 -0.16 9.34
N ILE B 349 9.71 -0.78 10.51
CA ILE B 349 10.19 -0.19 11.76
C ILE B 349 11.45 -0.94 12.19
N TRP B 350 12.54 -0.21 12.33
CA TRP B 350 13.84 -0.79 12.64
C TRP B 350 14.23 -0.48 14.08
N ASN B 351 14.97 -1.41 14.68
CA ASN B 351 15.46 -1.24 16.05
C ASN B 351 16.64 -2.16 16.31
N SER C 8 13.84 45.14 -11.74
CA SER C 8 13.94 46.45 -11.10
C SER C 8 15.05 46.47 -10.06
N ILE C 9 15.20 47.61 -9.39
CA ILE C 9 16.26 47.77 -8.39
C ILE C 9 15.79 47.46 -6.97
N ALA C 10 14.48 47.31 -6.75
CA ALA C 10 13.98 47.04 -5.41
C ALA C 10 14.46 45.68 -4.91
N GLN C 11 14.42 44.66 -5.76
CA GLN C 11 14.88 43.34 -5.37
C GLN C 11 16.38 43.34 -5.06
N ALA C 12 17.17 44.03 -5.88
CA ALA C 12 18.60 44.14 -5.61
C ALA C 12 18.87 44.87 -4.30
N ARG C 13 18.12 45.95 -4.04
CA ARG C 13 18.30 46.70 -2.81
C ARG C 13 17.96 45.86 -1.58
N LYS C 14 16.85 45.12 -1.64
CA LYS C 14 16.48 44.29 -0.50
C LYS C 14 17.44 43.12 -0.33
N LEU C 15 17.98 42.59 -1.43
CA LEU C 15 18.99 41.54 -1.32
C LEU C 15 20.27 42.07 -0.67
N VAL C 16 20.69 43.27 -1.03
CA VAL C 16 21.88 43.87 -0.42
C VAL C 16 21.63 44.13 1.06
N GLU C 17 20.44 44.61 1.41
CA GLU C 17 20.10 44.82 2.82
C GLU C 17 20.12 43.51 3.59
N GLN C 18 19.58 42.44 2.99
CA GLN C 18 19.60 41.13 3.64
C GLN C 18 21.03 40.63 3.83
N LEU C 19 21.88 40.82 2.82
CA LEU C 19 23.27 40.40 2.96
C LEU C 19 23.99 41.18 4.05
N LYS C 20 23.73 42.49 4.13
CA LYS C 20 24.34 43.30 5.18
C LYS C 20 23.87 42.84 6.57
N MET C 21 22.57 42.58 6.70
CA MET C 21 22.05 42.11 7.99
C MET C 21 22.65 40.78 8.37
N GLU C 22 22.82 39.88 7.40
CA GLU C 22 23.48 38.61 7.67
C GLU C 22 24.93 38.81 8.08
N ALA C 23 25.63 39.75 7.43
CA ALA C 23 27.03 40.01 7.76
C ALA C 23 27.20 40.72 9.10
N ASN C 24 26.13 41.33 9.63
CA ASN C 24 26.21 41.99 10.92
C ASN C 24 26.19 41.04 12.10
N ILE C 25 25.99 39.74 11.88
CA ILE C 25 25.92 38.77 12.97
C ILE C 25 27.32 38.44 13.45
N ASP C 26 27.41 37.77 14.60
CA ASP C 26 28.68 37.34 15.17
C ASP C 26 28.80 35.83 15.09
N ARG C 27 30.03 35.36 14.91
CA ARG C 27 30.31 33.94 14.76
C ARG C 27 31.40 33.52 15.74
N ILE C 28 31.42 32.23 16.05
CA ILE C 28 32.41 31.64 16.94
C ILE C 28 33.30 30.70 16.15
N LYS C 29 34.41 30.32 16.76
CA LYS C 29 35.35 29.40 16.12
C LYS C 29 34.73 28.03 15.92
N VAL C 30 35.15 27.37 14.83
CA VAL C 30 34.64 26.03 14.52
C VAL C 30 35.08 25.02 15.57
N SER C 31 36.24 25.25 16.20
CA SER C 31 36.71 24.33 17.24
C SER C 31 35.75 24.31 18.42
N LYS C 32 35.28 25.48 18.85
CA LYS C 32 34.36 25.54 19.99
C LYS C 32 33.05 24.82 19.68
N ALA C 33 32.51 25.03 18.49
CA ALA C 33 31.27 24.35 18.11
C ALA C 33 31.48 22.84 18.02
N ALA C 34 32.61 22.41 17.46
CA ALA C 34 32.89 20.98 17.39
C ALA C 34 33.01 20.37 18.78
N ALA C 35 33.67 21.07 19.71
CA ALA C 35 33.80 20.58 21.07
C ALA C 35 32.44 20.53 21.76
N ASP C 36 31.60 21.54 21.53
CA ASP C 36 30.26 21.53 22.13
C ASP C 36 29.43 20.36 21.62
N LEU C 37 29.48 20.11 20.30
CA LEU C 37 28.74 18.98 19.75
C LEU C 37 29.28 17.65 20.27
N MET C 38 30.60 17.53 20.39
CA MET C 38 31.18 16.31 20.93
C MET C 38 30.73 16.10 22.38
N ALA C 39 30.74 17.15 23.19
CA ALA C 39 30.34 17.03 24.59
C ALA C 39 28.86 16.65 24.69
N TYR C 40 28.01 17.29 23.88
CA TYR C 40 26.59 16.96 23.90
C TYR C 40 26.35 15.52 23.46
N CYS C 41 27.06 15.07 22.43
CA CYS C 41 26.90 13.68 21.98
C CYS C 41 27.37 12.70 23.04
N GLU C 42 28.49 12.99 23.71
CA GLU C 42 29.03 12.09 24.72
C GLU C 42 28.20 12.08 26.01
N ALA C 43 27.54 13.19 26.34
CA ALA C 43 26.72 13.24 27.55
C ALA C 43 25.52 12.32 27.46
N HIS C 44 24.75 12.42 26.38
CA HIS C 44 23.57 11.59 26.17
C HIS C 44 23.91 10.33 25.36
N ALA C 45 24.90 9.58 25.81
CA ALA C 45 25.35 8.39 25.11
C ALA C 45 24.73 7.10 25.65
N LYS C 46 24.79 6.89 26.97
CA LYS C 46 24.27 5.66 27.54
C LYS C 46 22.75 5.58 27.45
N GLU C 47 22.07 6.71 27.61
CA GLU C 47 20.62 6.73 27.62
C GLU C 47 20.01 6.63 26.22
N ASP C 48 20.81 6.73 25.17
CA ASP C 48 20.30 6.62 23.81
C ASP C 48 19.99 5.16 23.49
N PRO C 49 18.77 4.83 23.10
CA PRO C 49 18.43 3.43 22.79
C PRO C 49 18.80 2.97 21.39
N LEU C 50 19.41 3.83 20.57
CA LEU C 50 19.81 3.47 19.21
C LEU C 50 21.30 3.24 19.07
N LEU C 51 22.14 4.10 19.66
CA LEU C 51 23.57 3.88 19.64
C LEU C 51 23.95 2.61 20.42
N THR C 52 23.32 2.42 21.57
CA THR C 52 23.54 1.22 22.37
C THR C 52 22.29 0.36 22.37
N PRO C 53 22.34 -0.87 21.87
CA PRO C 53 21.14 -1.71 21.83
C PRO C 53 20.57 -1.95 23.23
N VAL C 54 19.24 -1.97 23.30
CA VAL C 54 18.53 -2.17 24.57
C VAL C 54 18.14 -3.63 24.68
N PRO C 55 18.26 -4.26 25.86
CA PRO C 55 17.83 -5.65 25.99
C PRO C 55 16.34 -5.81 25.70
N ALA C 56 15.99 -6.99 25.18
CA ALA C 56 14.62 -7.24 24.73
C ALA C 56 13.60 -7.14 25.86
N SER C 57 14.04 -7.24 27.12
CA SER C 57 13.12 -7.09 28.24
C SER C 57 12.52 -5.69 28.27
N GLU C 58 13.33 -4.67 28.01
CA GLU C 58 12.88 -3.29 27.99
C GLU C 58 12.55 -2.79 26.59
N ASN C 59 12.63 -3.66 25.57
CA ASN C 59 12.36 -3.24 24.20
C ASN C 59 10.89 -3.45 23.88
N PRO C 60 10.13 -2.39 23.61
CA PRO C 60 8.72 -2.56 23.25
C PRO C 60 8.49 -3.20 21.89
N PHE C 61 9.50 -3.22 21.02
CA PHE C 61 9.35 -3.74 19.67
C PHE C 61 9.89 -5.15 19.52
N ARG C 62 10.14 -5.84 20.63
CA ARG C 62 10.63 -7.21 20.56
C ARG C 62 9.62 -8.13 19.89
N GLU C 63 10.10 -8.99 19.01
CA GLU C 63 9.23 -9.92 18.29
C GLU C 63 8.75 -11.03 19.20
N VAL D 39 -24.86 14.40 18.26
CA VAL D 39 -24.88 13.07 18.86
C VAL D 39 -26.14 12.90 19.71
N GLN D 40 -27.11 12.16 19.17
CA GLN D 40 -28.36 11.90 19.86
C GLN D 40 -28.72 10.43 19.74
N LEU D 41 -29.22 9.85 20.84
CA LEU D 41 -29.66 8.46 20.87
C LEU D 41 -31.07 8.42 21.43
N VAL D 42 -32.04 8.13 20.57
CA VAL D 42 -33.45 8.07 20.95
C VAL D 42 -33.85 6.61 21.03
N GLU D 43 -34.44 6.21 22.16
CA GLU D 43 -34.85 4.85 22.40
C GLU D 43 -36.36 4.72 22.27
N SER D 44 -36.81 3.54 21.83
CA SER D 44 -38.23 3.27 21.68
C SER D 44 -38.48 1.79 21.84
N GLY D 45 -39.74 1.44 22.10
CA GLY D 45 -40.15 0.06 22.27
C GLY D 45 -40.52 -0.33 23.67
N GLY D 46 -40.56 0.59 24.63
CA GLY D 46 -40.93 0.26 25.99
C GLY D 46 -42.43 0.17 26.18
N GLY D 47 -42.81 -0.19 27.41
CA GLY D 47 -44.21 -0.32 27.76
C GLY D 47 -44.52 -1.61 28.50
N LEU D 48 -45.73 -1.71 29.05
CA LEU D 48 -46.13 -2.90 29.77
C LEU D 48 -46.31 -4.07 28.81
N VAL D 49 -45.72 -5.21 29.18
CA VAL D 49 -45.79 -6.43 28.37
C VAL D 49 -46.10 -7.60 29.29
N GLN D 50 -47.01 -8.46 28.87
CA GLN D 50 -47.34 -9.64 29.65
C GLN D 50 -46.15 -10.61 29.68
N PRO D 51 -45.98 -11.34 30.79
CA PRO D 51 -44.86 -12.29 30.87
C PRO D 51 -44.99 -13.40 29.84
N GLY D 52 -43.84 -13.85 29.34
CA GLY D 52 -43.79 -14.89 28.34
C GLY D 52 -43.98 -14.42 26.92
N GLY D 53 -44.16 -13.12 26.69
CA GLY D 53 -44.37 -12.57 25.37
C GLY D 53 -43.07 -12.18 24.70
N SER D 54 -43.20 -11.32 23.69
CA SER D 54 -42.05 -10.83 22.93
C SER D 54 -42.15 -9.33 22.79
N ARG D 55 -41.00 -8.67 22.65
CA ARG D 55 -40.95 -7.23 22.53
C ARG D 55 -39.77 -6.86 21.62
N LYS D 56 -39.85 -5.66 21.05
CA LYS D 56 -38.81 -5.13 20.18
C LYS D 56 -38.37 -3.78 20.69
N LEU D 57 -37.07 -3.58 20.82
CA LEU D 57 -36.49 -2.31 21.24
C LEU D 57 -35.73 -1.70 20.07
N SER D 58 -36.02 -0.43 19.76
CA SER D 58 -35.41 0.27 18.66
C SER D 58 -34.69 1.50 19.17
N CYS D 59 -33.48 1.73 18.64
CA CYS D 59 -32.67 2.89 19.00
C CYS D 59 -32.35 3.68 17.74
N SER D 60 -32.58 4.98 17.79
CA SER D 60 -32.31 5.87 16.66
C SER D 60 -31.03 6.65 16.94
N ALA D 61 -30.08 6.60 16.01
CA ALA D 61 -28.79 7.26 16.15
C ALA D 61 -28.66 8.33 15.08
N SER D 62 -28.23 9.52 15.50
CA SER D 62 -28.03 10.64 14.58
C SER D 62 -26.90 11.51 15.09
N GLY D 63 -26.28 12.25 14.18
CA GLY D 63 -25.21 13.16 14.51
C GLY D 63 -23.83 12.55 14.59
N PHE D 64 -23.70 11.24 14.37
CA PHE D 64 -22.38 10.60 14.41
C PHE D 64 -22.39 9.39 13.50
N ALA D 65 -21.19 8.94 13.13
CA ALA D 65 -21.02 7.79 12.24
C ALA D 65 -21.40 6.52 12.98
N PHE D 66 -22.61 6.02 12.73
CA PHE D 66 -23.09 4.83 13.42
C PHE D 66 -22.42 3.56 12.90
N SER D 67 -21.96 3.55 11.64
CA SER D 67 -21.39 2.35 11.06
C SER D 67 -20.12 1.91 11.78
N SER D 68 -19.25 2.87 12.12
CA SER D 68 -17.95 2.57 12.71
C SER D 68 -17.96 2.72 14.23
N PHE D 69 -19.09 2.44 14.88
CA PHE D 69 -19.22 2.57 16.33
C PHE D 69 -19.86 1.31 16.88
N GLY D 70 -19.16 0.62 17.79
CA GLY D 70 -19.76 -0.48 18.50
C GLY D 70 -20.80 0.01 19.49
N MET D 71 -21.75 -0.87 19.80
CA MET D 71 -22.90 -0.49 20.62
C MET D 71 -23.07 -1.50 21.75
N HIS D 72 -23.64 -1.03 22.85
CA HIS D 72 -23.90 -1.85 24.02
C HIS D 72 -25.32 -1.58 24.52
N TRP D 73 -25.88 -2.57 25.20
CA TRP D 73 -27.16 -2.44 25.89
C TRP D 73 -26.93 -2.61 27.39
N VAL D 74 -27.37 -1.62 28.16
CA VAL D 74 -27.20 -1.63 29.61
C VAL D 74 -28.58 -1.56 30.25
N ARG D 75 -28.85 -2.50 31.15
CA ARG D 75 -30.14 -2.60 31.84
C ARG D 75 -29.98 -2.19 33.30
N GLN D 76 -30.87 -1.32 33.76
CA GLN D 76 -30.84 -0.84 35.14
C GLN D 76 -32.18 -1.13 35.78
N ALA D 77 -32.15 -1.90 36.87
CA ALA D 77 -33.37 -2.20 37.62
C ALA D 77 -33.85 -0.95 38.35
N PRO D 78 -35.15 -0.90 38.68
CA PRO D 78 -35.66 0.28 39.42
C PRO D 78 -34.97 0.50 40.75
N GLU D 79 -34.50 -0.56 41.40
CA GLU D 79 -33.81 -0.44 42.69
C GLU D 79 -32.36 -0.87 42.66
N LYS D 80 -31.96 -1.70 41.70
CA LYS D 80 -30.58 -2.18 41.63
C LYS D 80 -29.76 -1.25 40.72
N GLY D 81 -28.53 -1.67 40.42
CA GLY D 81 -27.62 -0.89 39.62
C GLY D 81 -27.64 -1.30 38.15
N LEU D 82 -26.61 -0.84 37.43
CA LEU D 82 -26.50 -1.12 36.01
C LEU D 82 -26.13 -2.58 35.77
N GLU D 83 -26.69 -3.16 34.71
CA GLU D 83 -26.40 -4.52 34.31
C GLU D 83 -26.14 -4.56 32.81
N TRP D 84 -25.07 -5.24 32.41
CA TRP D 84 -24.73 -5.36 31.00
C TRP D 84 -25.58 -6.45 30.35
N VAL D 85 -25.93 -6.24 29.08
CA VAL D 85 -26.84 -7.14 28.38
C VAL D 85 -26.15 -7.74 27.16
N ALA D 86 -25.77 -6.90 26.20
CA ALA D 86 -25.24 -7.40 24.94
C ALA D 86 -24.36 -6.34 24.29
N TYR D 87 -23.57 -6.77 23.31
CA TYR D 87 -22.68 -5.88 22.57
C TYR D 87 -22.56 -6.37 21.13
N ILE D 88 -22.56 -5.41 20.20
CA ILE D 88 -22.38 -5.70 18.78
C ILE D 88 -21.33 -4.75 18.24
N SER D 89 -20.42 -5.28 17.41
CA SER D 89 -19.30 -4.48 16.92
C SER D 89 -19.72 -3.66 15.71
N SER D 90 -18.75 -2.93 15.15
CA SER D 90 -19.02 -2.06 13.99
C SER D 90 -19.39 -2.88 12.76
N GLY D 91 -18.73 -4.02 12.55
CA GLY D 91 -18.96 -4.84 11.38
C GLY D 91 -20.06 -5.86 11.57
N SER D 92 -20.88 -5.67 12.61
CA SER D 92 -22.00 -6.54 12.96
C SER D 92 -21.55 -7.95 13.37
N GLY D 93 -20.24 -8.17 13.51
CA GLY D 93 -19.72 -9.45 13.98
C GLY D 93 -19.29 -9.38 15.43
N THR D 94 -18.83 -10.54 15.91
CA THR D 94 -18.36 -10.70 17.30
C THR D 94 -19.42 -10.20 18.28
N ILE D 95 -20.58 -10.83 18.24
CA ILE D 95 -21.71 -10.46 19.08
C ILE D 95 -21.61 -11.22 20.39
N TYR D 96 -21.69 -10.49 21.50
CA TYR D 96 -21.61 -11.07 22.84
C TYR D 96 -22.92 -10.84 23.59
N TYR D 97 -23.24 -11.78 24.47
CA TYR D 97 -24.43 -11.71 25.30
C TYR D 97 -24.06 -12.01 26.75
N ALA D 98 -24.90 -11.54 27.66
CA ALA D 98 -24.72 -11.85 29.06
C ALA D 98 -25.05 -13.32 29.34
N ASP D 99 -24.67 -13.77 30.54
CA ASP D 99 -24.89 -15.16 30.90
C ASP D 99 -26.38 -15.50 30.94
N THR D 100 -27.20 -14.58 31.44
CA THR D 100 -28.64 -14.77 31.52
C THR D 100 -29.38 -14.16 30.32
N VAL D 101 -28.66 -13.81 29.26
CA VAL D 101 -29.26 -13.15 28.11
C VAL D 101 -28.99 -13.99 26.86
N LYS D 102 -27.92 -14.80 26.90
CA LYS D 102 -27.52 -15.58 25.74
C LYS D 102 -28.64 -16.53 25.32
N GLY D 103 -28.92 -16.55 24.02
CA GLY D 103 -29.96 -17.41 23.47
C GLY D 103 -31.35 -16.83 23.58
N ARG D 104 -31.66 -16.22 24.72
CA ARG D 104 -33.00 -15.68 24.94
C ARG D 104 -33.22 -14.40 24.14
N PHE D 105 -32.21 -13.53 24.09
CA PHE D 105 -32.30 -12.26 23.38
C PHE D 105 -31.39 -12.26 22.17
N THR D 106 -31.76 -11.44 21.18
CA THR D 106 -30.97 -11.25 19.97
C THR D 106 -30.83 -9.76 19.68
N ILE D 107 -29.68 -9.36 19.15
CA ILE D 107 -29.38 -7.97 18.88
C ILE D 107 -28.84 -7.86 17.45
N SER D 108 -29.37 -6.88 16.70
CA SER D 108 -28.95 -6.64 15.34
C SER D 108 -28.95 -5.13 15.08
N ARG D 109 -28.23 -4.72 14.04
CA ARG D 109 -28.12 -3.31 13.70
C ARG D 109 -28.33 -3.14 12.19
N ASP D 110 -28.77 -1.93 11.83
CA ASP D 110 -29.03 -1.57 10.44
C ASP D 110 -28.25 -0.29 10.13
N ASP D 111 -27.05 -0.45 9.56
CA ASP D 111 -26.23 0.71 9.26
C ASP D 111 -26.89 1.68 8.29
N PRO D 112 -27.46 1.24 7.15
CA PRO D 112 -28.13 2.22 6.28
C PRO D 112 -29.30 2.91 6.94
N LYS D 113 -30.02 2.22 7.82
CA LYS D 113 -31.17 2.81 8.52
C LYS D 113 -30.78 3.56 9.77
N ASN D 114 -29.55 3.42 10.24
CA ASN D 114 -29.08 4.07 11.48
C ASN D 114 -30.00 3.74 12.66
N THR D 115 -30.36 2.46 12.76
CA THR D 115 -31.28 2.01 13.79
C THR D 115 -30.76 0.71 14.38
N LEU D 116 -30.82 0.60 15.71
CA LEU D 116 -30.42 -0.60 16.42
C LEU D 116 -31.66 -1.34 16.89
N PHE D 117 -31.73 -2.64 16.62
CA PHE D 117 -32.86 -3.47 16.99
C PHE D 117 -32.44 -4.51 18.02
N LEU D 118 -33.20 -4.59 19.11
CA LEU D 118 -32.99 -5.59 20.15
C LEU D 118 -34.32 -6.29 20.40
N GLN D 119 -34.47 -7.48 19.83
CA GLN D 119 -35.70 -8.24 19.94
C GLN D 119 -35.58 -9.22 21.10
N MET D 120 -36.56 -9.20 22.00
CA MET D 120 -36.56 -10.02 23.19
C MET D 120 -37.75 -10.98 23.14
N THR D 121 -37.51 -12.24 23.50
CA THR D 121 -38.54 -13.26 23.48
C THR D 121 -38.52 -14.03 24.80
N SER D 122 -39.69 -14.55 25.18
CA SER D 122 -39.87 -15.35 26.39
C SER D 122 -39.39 -14.59 27.62
N LEU D 123 -39.91 -13.36 27.76
CA LEU D 123 -39.57 -12.53 28.91
C LEU D 123 -40.26 -13.04 30.17
N ARG D 124 -39.63 -12.76 31.31
CA ARG D 124 -40.16 -13.16 32.61
C ARG D 124 -40.15 -11.96 33.55
N SER D 125 -40.55 -12.22 34.80
CA SER D 125 -40.68 -11.14 35.78
C SER D 125 -39.33 -10.60 36.23
N GLU D 126 -38.23 -11.25 35.87
CA GLU D 126 -36.91 -10.78 36.29
C GLU D 126 -36.35 -9.70 35.38
N ASP D 127 -37.03 -9.35 34.29
CA ASP D 127 -36.53 -8.37 33.34
C ASP D 127 -37.28 -7.05 33.39
N THR D 128 -38.02 -6.78 34.46
CA THR D 128 -38.74 -5.52 34.59
C THR D 128 -37.77 -4.40 34.92
N ALA D 129 -37.19 -3.79 33.89
CA ALA D 129 -36.20 -2.74 34.09
C ALA D 129 -36.11 -1.88 32.83
N MET D 130 -35.51 -0.71 32.99
CA MET D 130 -35.29 0.21 31.87
C MET D 130 -33.92 -0.03 31.26
N TYR D 131 -33.87 -0.08 29.94
CA TYR D 131 -32.65 -0.35 29.20
C TYR D 131 -32.00 0.94 28.71
N TYR D 132 -30.70 0.86 28.48
CA TYR D 132 -29.93 1.97 27.94
C TYR D 132 -29.11 1.47 26.75
N CYS D 133 -28.91 2.35 25.78
CA CYS D 133 -28.09 2.06 24.61
C CYS D 133 -26.85 2.94 24.67
N VAL D 134 -25.67 2.31 24.61
CA VAL D 134 -24.40 2.99 24.76
C VAL D 134 -23.55 2.77 23.53
N ARG D 135 -22.99 3.84 23.00
CA ARG D 135 -22.05 3.77 21.89
C ARG D 135 -20.63 3.64 22.42
N SER D 136 -19.77 3.00 21.63
CA SER D 136 -18.38 2.81 22.02
C SER D 136 -17.52 2.45 20.82
N ILE D 137 -16.45 3.20 20.59
CA ILE D 137 -15.49 2.90 19.54
C ILE D 137 -14.16 2.57 20.19
N TYR D 138 -13.53 1.50 19.71
CA TYR D 138 -12.34 0.93 20.35
C TYR D 138 -11.14 1.11 19.44
N TYR D 139 -10.21 1.97 19.85
CA TYR D 139 -8.91 2.10 19.21
C TYR D 139 -7.96 2.72 20.22
N TYR D 140 -6.71 2.91 19.81
CA TYR D 140 -5.72 3.47 20.71
C TYR D 140 -6.07 4.91 21.06
N GLY D 141 -6.23 5.18 22.35
CA GLY D 141 -6.61 6.49 22.82
C GLY D 141 -8.09 6.79 22.78
N SER D 142 -8.92 5.82 22.42
CA SER D 142 -10.36 6.02 22.34
C SER D 142 -10.99 6.03 23.73
N SER D 143 -12.23 6.48 23.79
CA SER D 143 -12.99 6.58 25.04
C SER D 143 -14.32 5.86 24.86
N PRO D 144 -14.34 4.54 25.05
CA PRO D 144 -15.60 3.80 24.94
C PRO D 144 -16.57 4.16 26.05
N PHE D 145 -17.84 3.89 25.79
CA PHE D 145 -18.94 4.21 26.72
C PHE D 145 -19.00 5.71 27.02
N ASP D 146 -18.64 6.53 26.03
CA ASP D 146 -18.61 7.97 26.25
C ASP D 146 -20.01 8.59 26.26
N PHE D 147 -20.91 8.09 25.42
CA PHE D 147 -22.25 8.65 25.28
C PHE D 147 -23.28 7.58 25.62
N TRP D 148 -24.29 7.97 26.40
CA TRP D 148 -25.36 7.08 26.81
C TRP D 148 -26.70 7.66 26.39
N GLY D 149 -27.61 6.78 25.93
CA GLY D 149 -28.92 7.21 25.53
C GLY D 149 -29.82 7.52 26.71
N GLN D 150 -30.98 8.12 26.40
CA GLN D 150 -31.93 8.48 27.45
C GLN D 150 -32.60 7.25 28.06
N GLY D 151 -32.83 6.22 27.26
CA GLY D 151 -33.42 4.99 27.75
C GLY D 151 -34.94 5.03 27.78
N THR D 152 -35.53 3.84 27.82
CA THR D 152 -36.97 3.67 27.91
C THR D 152 -37.31 2.67 28.99
N THR D 153 -38.43 2.90 29.67
CA THR D 153 -38.87 2.03 30.75
C THR D 153 -39.67 0.86 30.21
N LEU D 154 -39.40 -0.33 30.75
CA LEU D 154 -40.11 -1.54 30.36
C LEU D 154 -40.57 -2.25 31.63
N THR D 155 -41.84 -2.64 31.65
CA THR D 155 -42.46 -3.28 32.80
C THR D 155 -43.06 -4.61 32.39
N VAL D 156 -42.79 -5.65 33.17
CA VAL D 156 -43.32 -6.99 32.94
C VAL D 156 -44.20 -7.35 34.12
N SER D 157 -45.46 -7.67 33.84
CA SER D 157 -46.40 -8.02 34.90
C SER D 157 -46.10 -9.42 35.44
N ALA D 158 -46.66 -9.71 36.61
CA ALA D 158 -46.47 -11.00 37.25
C ALA D 158 -47.31 -12.08 36.57
N SER D 173 -20.07 -18.96 36.73
CA SER D 173 -19.31 -17.88 37.35
C SER D 173 -18.12 -17.49 36.48
N ALA D 174 -16.92 -17.50 37.08
CA ALA D 174 -15.67 -17.15 36.41
C ALA D 174 -15.70 -15.74 35.82
N ASP D 175 -16.43 -14.82 36.45
CA ASP D 175 -16.53 -13.44 36.00
C ASP D 175 -16.03 -12.50 37.08
N ILE D 176 -15.46 -11.37 36.67
CA ILE D 176 -14.94 -10.40 37.62
C ILE D 176 -16.11 -9.74 38.35
N VAL D 177 -16.02 -9.69 39.67
CA VAL D 177 -17.07 -9.16 40.52
C VAL D 177 -16.60 -7.84 41.11
N MET D 178 -17.37 -6.78 40.87
CA MET D 178 -17.05 -5.45 41.40
C MET D 178 -17.99 -5.13 42.56
N THR D 179 -17.43 -4.98 43.76
CA THR D 179 -18.21 -4.70 44.96
C THR D 179 -18.31 -3.20 45.24
N GLN D 180 -17.16 -2.54 45.43
CA GLN D 180 -17.05 -1.10 45.55
C GLN D 180 -17.58 -0.60 46.90
N ALA D 181 -18.17 -1.49 47.69
CA ALA D 181 -18.73 -1.20 49.01
C ALA D 181 -19.50 0.12 49.01
N THR D 182 -19.42 0.86 50.12
CA THR D 182 -19.85 2.25 50.21
C THR D 182 -21.21 2.50 49.56
N SER D 183 -22.26 1.95 50.19
CA SER D 183 -23.61 2.13 49.70
C SER D 183 -24.01 3.61 49.71
N SER D 184 -23.71 4.32 50.80
CA SER D 184 -24.02 5.73 50.92
C SER D 184 -22.85 6.47 51.53
N VAL D 185 -22.57 7.65 50.98
CA VAL D 185 -21.49 8.50 51.47
C VAL D 185 -22.01 9.93 51.59
N PRO D 186 -22.34 10.39 52.79
CA PRO D 186 -22.74 11.79 52.96
C PRO D 186 -21.61 12.74 52.59
N VAL D 187 -21.97 13.86 51.97
CA VAL D 187 -21.00 14.83 51.48
C VAL D 187 -21.47 16.24 51.86
N THR D 188 -20.53 17.18 51.82
CA THR D 188 -20.79 18.58 52.06
C THR D 188 -20.20 19.40 50.92
N PRO D 189 -20.92 20.38 50.40
CA PRO D 189 -20.38 21.18 49.29
C PRO D 189 -19.08 21.88 49.67
N GLY D 190 -18.15 21.93 48.72
CA GLY D 190 -16.87 22.55 48.94
C GLY D 190 -15.81 21.65 49.53
N GLU D 191 -16.16 20.41 49.89
CA GLU D 191 -15.21 19.49 50.49
C GLU D 191 -14.72 18.48 49.46
N SER D 192 -13.88 17.55 49.90
CA SER D 192 -13.30 16.52 49.05
C SER D 192 -13.86 15.16 49.48
N VAL D 193 -14.35 14.40 48.50
CA VAL D 193 -14.95 13.10 48.76
C VAL D 193 -14.20 12.05 47.93
N SER D 194 -13.85 10.94 48.58
CA SER D 194 -13.12 9.86 47.94
C SER D 194 -14.01 8.62 47.82
N ILE D 195 -13.97 7.99 46.66
CA ILE D 195 -14.75 6.79 46.38
C ILE D 195 -13.79 5.64 46.11
N SER D 196 -13.97 4.54 46.83
CA SER D 196 -13.09 3.39 46.74
C SER D 196 -13.82 2.20 46.15
N CYS D 197 -13.13 1.45 45.30
CA CYS D 197 -13.70 0.26 44.67
C CYS D 197 -12.67 -0.86 44.71
N ARG D 198 -13.17 -2.10 44.67
CA ARG D 198 -12.33 -3.28 44.71
C ARG D 198 -12.77 -4.26 43.64
N SER D 199 -11.81 -5.02 43.12
CA SER D 199 -12.07 -6.02 42.09
C SER D 199 -11.51 -7.36 42.52
N SER D 200 -12.26 -8.44 42.24
CA SER D 200 -11.80 -9.77 42.60
C SER D 200 -10.54 -10.16 41.83
N LYS D 201 -10.48 -9.80 40.54
CA LYS D 201 -9.36 -10.12 39.69
C LYS D 201 -8.61 -8.84 39.32
N SER D 202 -7.28 -8.95 39.28
CA SER D 202 -6.46 -7.80 38.91
C SER D 202 -6.76 -7.37 37.48
N LEU D 203 -6.94 -6.06 37.29
CA LEU D 203 -7.30 -5.50 35.99
C LEU D 203 -6.09 -4.98 35.23
N LEU D 204 -4.87 -5.15 35.76
CA LEU D 204 -3.67 -4.66 35.09
C LEU D 204 -3.26 -5.70 34.05
N HIS D 205 -3.53 -5.40 32.79
CA HIS D 205 -3.21 -6.32 31.71
C HIS D 205 -1.71 -6.29 31.42
N SER D 206 -1.26 -7.29 30.66
CA SER D 206 0.16 -7.41 30.33
C SER D 206 0.65 -6.27 29.44
N ASN D 207 -0.26 -5.55 28.78
CA ASN D 207 0.13 -4.45 27.91
C ASN D 207 0.36 -3.14 28.66
N GLY D 208 0.16 -3.12 29.98
CA GLY D 208 0.36 -1.94 30.77
C GLY D 208 -0.85 -1.04 30.94
N ASN D 209 -1.97 -1.38 30.32
CA ASN D 209 -3.20 -0.58 30.42
C ASN D 209 -4.19 -1.29 31.33
N THR D 210 -4.66 -0.58 32.35
CA THR D 210 -5.67 -1.10 33.25
C THR D 210 -7.05 -0.64 32.77
N TYR D 211 -7.96 -1.60 32.58
CA TYR D 211 -9.27 -1.32 32.00
C TYR D 211 -10.27 -1.11 33.14
N LEU D 212 -10.45 0.16 33.51
CA LEU D 212 -11.39 0.54 34.56
C LEU D 212 -12.16 1.77 34.10
N TYR D 213 -13.44 1.81 34.42
CA TYR D 213 -14.31 2.91 34.02
C TYR D 213 -15.15 3.39 35.20
N TRP D 214 -15.39 4.70 35.23
CA TRP D 214 -16.21 5.34 36.26
C TRP D 214 -17.37 6.05 35.57
N PHE D 215 -18.57 5.85 36.09
CA PHE D 215 -19.78 6.45 35.54
C PHE D 215 -20.50 7.25 36.62
N LEU D 216 -21.10 8.36 36.22
CA LEU D 216 -21.89 9.19 37.10
C LEU D 216 -23.31 9.30 36.55
N GLN D 217 -24.28 8.92 37.37
CA GLN D 217 -25.69 8.95 36.99
C GLN D 217 -26.43 9.90 37.92
N ARG D 218 -26.67 11.12 37.46
CA ARG D 218 -27.45 12.08 38.22
C ARG D 218 -28.91 11.63 38.30
N PRO D 219 -29.63 12.01 39.35
CA PRO D 219 -31.03 11.59 39.47
C PRO D 219 -31.87 12.06 38.30
N GLY D 220 -32.63 11.15 37.72
CA GLY D 220 -33.44 11.45 36.55
C GLY D 220 -32.64 11.85 35.34
N GLN D 221 -31.44 11.30 35.19
CA GLN D 221 -30.58 11.62 34.05
C GLN D 221 -29.80 10.38 33.66
N SER D 222 -29.35 10.36 32.41
CA SER D 222 -28.58 9.25 31.88
C SER D 222 -27.15 9.27 32.43
N PRO D 223 -26.55 8.10 32.64
CA PRO D 223 -25.16 8.06 33.12
C PRO D 223 -24.19 8.68 32.14
N GLN D 224 -23.11 9.24 32.68
CA GLN D 224 -22.07 9.87 31.89
C GLN D 224 -20.71 9.35 32.31
N LEU D 225 -19.83 9.15 31.32
CA LEU D 225 -18.48 8.67 31.59
C LEU D 225 -17.63 9.79 32.18
N LEU D 226 -16.97 9.49 33.31
CA LEU D 226 -16.07 10.45 33.94
C LEU D 226 -14.60 10.13 33.66
N ILE D 227 -14.16 8.93 34.03
CA ILE D 227 -12.77 8.52 33.85
C ILE D 227 -12.74 7.13 33.23
N TYR D 228 -11.92 6.96 32.21
CA TYR D 228 -11.72 5.67 31.56
C TYR D 228 -10.27 5.25 31.69
N ARG D 229 -10.06 3.95 31.95
CA ARG D 229 -8.75 3.37 32.20
C ARG D 229 -8.09 3.95 33.45
N MET D 230 -8.90 4.50 34.36
CA MET D 230 -8.51 4.91 35.71
C MET D 230 -7.43 5.99 35.73
N SER D 231 -6.97 6.42 34.56
CA SER D 231 -5.96 7.48 34.49
C SER D 231 -6.25 8.55 33.45
N ASN D 232 -7.20 8.36 32.54
CA ASN D 232 -7.52 9.34 31.50
C ASN D 232 -8.86 9.97 31.80
N LEU D 233 -8.90 11.30 31.75
CA LEU D 233 -10.14 12.03 32.00
C LEU D 233 -10.95 12.15 30.71
N ALA D 234 -12.26 11.92 30.82
CA ALA D 234 -13.14 12.01 29.67
C ALA D 234 -13.30 13.46 29.22
N SER D 235 -13.60 13.64 27.95
CA SER D 235 -13.82 14.97 27.40
C SER D 235 -15.13 15.55 27.88
N GLY D 236 -15.14 16.86 28.15
CA GLY D 236 -16.34 17.55 28.55
C GLY D 236 -16.68 17.50 30.02
N VAL D 237 -15.79 17.01 30.86
CA VAL D 237 -16.03 16.96 32.30
C VAL D 237 -15.00 17.83 33.02
N PRO D 238 -15.30 18.34 34.20
CA PRO D 238 -14.33 19.19 34.91
C PRO D 238 -13.08 18.42 35.29
N ASP D 239 -11.96 19.15 35.37
CA ASP D 239 -10.67 18.55 35.67
C ASP D 239 -10.50 18.17 37.13
N ARG D 240 -11.45 18.54 38.00
CA ARG D 240 -11.33 18.21 39.41
C ARG D 240 -11.42 16.71 39.66
N PHE D 241 -12.06 15.96 38.76
CA PHE D 241 -12.12 14.52 38.90
C PHE D 241 -10.75 13.89 38.67
N SER D 242 -10.41 12.93 39.53
CA SER D 242 -9.14 12.23 39.44
C SER D 242 -9.35 10.75 39.75
N GLY D 243 -8.49 9.92 39.20
CA GLY D 243 -8.57 8.48 39.44
C GLY D 243 -7.20 7.88 39.62
N SER D 244 -7.14 6.83 40.44
CA SER D 244 -5.90 6.12 40.71
C SER D 244 -6.22 4.71 41.17
N GLY D 245 -5.22 3.85 41.12
CA GLY D 245 -5.40 2.47 41.54
C GLY D 245 -4.10 1.72 41.44
N SER D 246 -4.11 0.50 41.98
CA SER D 246 -2.95 -0.38 41.96
C SER D 246 -3.25 -1.72 41.29
N GLY D 247 -4.35 -1.80 40.55
CA GLY D 247 -4.75 -3.01 39.86
C GLY D 247 -5.78 -3.84 40.61
N THR D 248 -5.90 -3.67 41.92
CA THR D 248 -6.91 -4.35 42.71
C THR D 248 -7.86 -3.39 43.40
N ALA D 249 -7.33 -2.37 44.06
CA ALA D 249 -8.15 -1.34 44.71
C ALA D 249 -8.02 -0.04 43.93
N PHE D 250 -9.17 0.57 43.63
CA PHE D 250 -9.22 1.78 42.83
C PHE D 250 -9.90 2.89 43.61
N THR D 251 -9.38 4.12 43.45
CA THR D 251 -9.85 5.25 44.21
C THR D 251 -10.24 6.38 43.27
N LEU D 252 -11.44 6.94 43.47
CA LEU D 252 -11.92 8.09 42.73
C LEU D 252 -12.04 9.26 43.69
N THR D 253 -11.40 10.38 43.35
CA THR D 253 -11.37 11.56 44.21
C THR D 253 -11.99 12.75 43.50
N ILE D 254 -12.80 13.51 44.22
CA ILE D 254 -13.42 14.73 43.72
C ILE D 254 -12.99 15.87 44.61
N SER D 255 -12.49 16.95 44.00
CA SER D 255 -12.03 18.13 44.72
C SER D 255 -12.95 19.30 44.44
N ARG D 256 -13.22 20.10 45.47
CA ARG D 256 -14.12 21.26 45.39
C ARG D 256 -15.51 20.82 44.91
N LEU D 257 -16.11 19.94 45.70
CA LEU D 257 -17.42 19.37 45.34
C LEU D 257 -18.52 20.42 45.41
N GLU D 258 -19.43 20.38 44.45
CA GLU D 258 -20.60 21.23 44.43
C GLU D 258 -21.85 20.37 44.28
N ALA D 259 -22.99 21.03 44.04
CA ALA D 259 -24.28 20.36 43.97
C ALA D 259 -24.54 19.69 42.62
N GLU D 260 -23.70 19.93 41.62
CA GLU D 260 -23.92 19.34 40.29
C GLU D 260 -23.42 17.91 40.17
N ASP D 261 -22.68 17.41 41.16
CA ASP D 261 -22.15 16.06 41.12
C ASP D 261 -22.94 15.09 42.00
N VAL D 262 -24.09 15.50 42.51
CA VAL D 262 -24.90 14.62 43.34
C VAL D 262 -25.52 13.54 42.47
N GLY D 263 -25.30 12.29 42.85
CA GLY D 263 -25.83 11.18 42.08
C GLY D 263 -25.26 9.86 42.57
N VAL D 264 -25.28 8.86 41.68
CA VAL D 264 -24.79 7.53 41.98
C VAL D 264 -23.61 7.23 41.07
N TYR D 265 -22.50 6.79 41.65
CA TYR D 265 -21.29 6.48 40.92
C TYR D 265 -21.20 4.98 40.67
N TYR D 266 -20.95 4.60 39.43
CA TYR D 266 -20.82 3.19 39.04
C TYR D 266 -19.42 2.94 38.49
N CYS D 267 -18.94 1.72 38.70
CA CYS D 267 -17.60 1.32 38.30
C CYS D 267 -17.64 0.00 37.55
N MET D 268 -16.75 -0.13 36.57
CA MET D 268 -16.62 -1.38 35.82
C MET D 268 -15.22 -1.97 35.99
N HIS D 270 -13.23 -4.26 32.34
CA HIS D 270 -13.50 -4.48 30.92
C HIS D 270 -12.54 -5.52 30.34
N LEU D 271 -11.87 -6.25 31.23
CA LEU D 271 -10.93 -7.29 30.79
C LEU D 271 -11.65 -8.39 30.03
N GLU D 272 -12.80 -8.84 30.52
CA GLU D 272 -13.54 -9.93 29.93
C GLU D 272 -15.03 -9.57 29.86
N TYR D 273 -15.71 -10.22 28.92
CA TYR D 273 -17.15 -10.03 28.76
C TYR D 273 -17.93 -11.04 29.59
N LEU D 275 -18.93 -7.66 31.29
CA LEU D 275 -18.74 -6.28 31.74
C LEU D 275 -19.59 -6.00 32.96
N THR D 276 -19.23 -6.61 34.09
CA THR D 276 -19.99 -6.44 35.32
C THR D 276 -19.81 -5.04 35.89
N PHE D 277 -20.90 -4.48 36.40
CA PHE D 277 -20.86 -3.16 37.03
C PHE D 277 -20.69 -3.30 38.54
N GLY D 278 -20.51 -2.17 39.21
CA GLY D 278 -20.39 -2.15 40.65
C GLY D 278 -21.75 -2.00 41.33
N ALA D 279 -21.72 -2.06 42.66
CA ALA D 279 -22.94 -1.92 43.44
C ALA D 279 -23.52 -0.52 43.29
N GLY D 280 -22.68 0.51 43.28
CA GLY D 280 -23.13 1.87 43.13
C GLY D 280 -23.04 2.67 44.41
N THR D 281 -22.25 3.74 44.40
CA THR D 281 -22.08 4.62 45.55
C THR D 281 -22.92 5.87 45.35
N LYS D 282 -23.80 6.15 46.30
CA LYS D 282 -24.70 7.30 46.23
C LYS D 282 -24.23 8.39 47.18
N LEU D 283 -24.16 9.61 46.68
CA LEU D 283 -23.74 10.76 47.47
C LEU D 283 -24.97 11.57 47.86
N GLU D 284 -25.13 11.81 49.16
CA GLU D 284 -26.25 12.59 49.68
C GLU D 284 -25.75 13.97 50.08
N LEU D 285 -26.42 15.00 49.57
CA LEU D 285 -26.02 16.38 49.84
C LEU D 285 -26.69 16.91 51.11
N PHE E 2 12.58 -59.60 -15.79
CA PHE E 2 13.56 -58.96 -16.68
C PHE E 2 13.08 -59.03 -18.13
N ASP E 3 12.11 -59.90 -18.38
CA ASP E 3 11.48 -60.05 -19.69
C ASP E 3 9.99 -59.69 -19.64
N MET E 4 9.65 -58.63 -18.93
CA MET E 4 8.26 -58.23 -18.77
C MET E 4 7.76 -57.56 -20.05
N LEU E 5 6.87 -58.24 -20.78
CA LEU E 5 6.27 -57.72 -22.00
C LEU E 5 4.76 -57.92 -21.93
N ARG E 6 4.18 -57.56 -20.80
CA ARG E 6 2.76 -57.77 -20.53
C ARG E 6 1.96 -56.63 -21.18
N CYS E 7 0.67 -56.56 -20.88
CA CYS E 7 -0.22 -55.55 -21.43
C CYS E 7 -0.32 -54.39 -20.46
N MET E 8 -0.10 -53.17 -20.96
CA MET E 8 -0.05 -51.98 -20.14
C MET E 8 -1.17 -51.03 -20.57
N LEU E 9 -1.88 -50.48 -19.58
CA LEU E 9 -3.00 -49.57 -19.84
C LEU E 9 -3.04 -48.52 -18.74
N GLY E 10 -2.94 -47.25 -19.13
CA GLY E 10 -3.02 -46.17 -18.17
C GLY E 10 -1.88 -46.17 -17.17
N ARG E 11 -0.64 -46.31 -17.65
CA ARG E 11 0.56 -46.24 -16.76
C ARG E 11 0.64 -47.46 -15.84
N VAL E 12 -0.29 -48.42 -15.97
CA VAL E 12 -0.27 -49.63 -15.15
C VAL E 12 -0.56 -50.82 -16.05
N TYR E 13 -0.21 -52.01 -15.55
CA TYR E 13 -0.39 -53.23 -16.31
C TYR E 13 -1.78 -53.80 -16.12
N ARG E 14 -2.52 -53.89 -17.21
CA ARG E 14 -3.86 -54.46 -17.21
C ARG E 14 -3.79 -55.98 -17.23
N PRO E 15 -4.84 -56.65 -16.75
CA PRO E 15 -4.81 -58.13 -16.68
C PRO E 15 -4.79 -58.82 -18.03
N CYS E 16 -4.72 -58.08 -19.15
CA CYS E 16 -4.62 -58.64 -20.49
C CYS E 16 -5.92 -59.33 -20.89
N TRP E 17 -5.90 -60.05 -22.01
CA TRP E 17 -7.09 -60.74 -22.48
C TRP E 17 -7.54 -61.81 -21.48
N GLN E 18 -8.85 -61.97 -21.38
CA GLN E 18 -9.42 -62.97 -20.49
C GLN E 18 -10.27 -63.98 -21.27
N TYR F 42 23.51 -51.21 -21.57
CA TYR F 42 22.68 -52.19 -22.23
C TYR F 42 21.31 -51.59 -22.58
N ILE F 43 20.36 -52.44 -22.97
CA ILE F 43 19.03 -51.96 -23.35
C ILE F 43 18.12 -51.75 -22.15
N ASN F 44 18.55 -52.14 -20.96
CA ASN F 44 17.74 -52.00 -19.75
C ASN F 44 18.08 -50.75 -18.96
N ILE F 45 19.00 -49.91 -19.45
CA ILE F 45 19.41 -48.70 -18.74
C ILE F 45 19.15 -47.45 -19.57
N ILE F 46 18.28 -47.53 -20.57
CA ILE F 46 17.95 -46.39 -21.41
C ILE F 46 16.73 -45.63 -20.88
N MET F 47 15.67 -46.35 -20.50
CA MET F 47 14.50 -45.69 -19.93
C MET F 47 14.78 -44.98 -18.61
N PRO F 48 15.45 -45.57 -17.61
CA PRO F 48 15.56 -44.88 -16.32
C PRO F 48 16.42 -43.63 -16.38
N SER F 49 17.43 -43.60 -17.25
CA SER F 49 18.27 -42.40 -17.36
C SER F 49 17.47 -41.22 -17.89
N VAL F 50 16.71 -41.43 -18.97
CA VAL F 50 15.93 -40.34 -19.53
C VAL F 50 14.80 -39.94 -18.60
N PHE F 51 14.19 -40.92 -17.92
CA PHE F 51 13.16 -40.57 -16.94
C PHE F 51 13.74 -39.74 -15.80
N GLY F 52 14.92 -40.12 -15.32
CA GLY F 52 15.53 -39.37 -14.23
C GLY F 52 15.93 -37.97 -14.63
N THR F 53 16.49 -37.80 -15.84
CA THR F 53 16.86 -36.46 -16.27
C THR F 53 15.63 -35.60 -16.53
N ILE F 54 14.55 -36.18 -17.04
CA ILE F 54 13.30 -35.44 -17.19
C ILE F 54 12.77 -35.00 -15.83
N CYS F 55 12.81 -35.91 -14.85
CA CYS F 55 12.35 -35.56 -13.50
C CYS F 55 13.21 -34.46 -12.90
N LEU F 56 14.52 -34.53 -13.08
CA LEU F 56 15.40 -33.51 -12.53
C LEU F 56 15.16 -32.16 -13.19
N LEU F 57 14.98 -32.13 -14.51
CA LEU F 57 14.66 -30.89 -15.19
C LEU F 57 13.34 -30.30 -14.70
N GLY F 58 12.33 -31.16 -14.52
CA GLY F 58 11.07 -30.68 -13.98
C GLY F 58 11.22 -30.12 -12.57
N ILE F 59 11.98 -30.81 -11.73
CA ILE F 59 12.19 -30.35 -10.36
C ILE F 59 12.86 -28.98 -10.35
N ILE F 60 13.93 -28.82 -11.13
CA ILE F 60 14.66 -27.55 -11.09
C ILE F 60 13.82 -26.43 -11.68
N GLY F 61 13.09 -26.70 -12.79
CA GLY F 61 12.24 -25.68 -13.36
C GLY F 61 11.12 -25.25 -12.44
N ASN F 62 10.45 -26.22 -11.81
CA ASN F 62 9.38 -25.90 -10.87
C ASN F 62 9.92 -25.13 -9.67
N SER F 63 11.08 -25.53 -9.15
CA SER F 63 11.66 -24.80 -8.02
C SER F 63 11.99 -23.36 -8.41
N THR F 64 12.55 -23.16 -9.59
CA THR F 64 12.86 -21.81 -10.04
C THR F 64 11.60 -20.97 -10.18
N VAL F 65 10.54 -21.55 -10.77
CA VAL F 65 9.29 -20.80 -10.94
C VAL F 65 8.68 -20.46 -9.59
N ILE F 66 8.67 -21.43 -8.66
CA ILE F 66 8.10 -21.18 -7.33
C ILE F 66 8.87 -20.07 -6.63
N PHE F 67 10.20 -20.12 -6.68
CA PHE F 67 11.01 -19.10 -6.03
C PHE F 67 10.75 -17.73 -6.65
N ALA F 68 10.69 -17.66 -7.99
CA ALA F 68 10.45 -16.39 -8.66
C ALA F 68 9.09 -15.82 -8.28
N VAL F 69 8.06 -16.66 -8.25
CA VAL F 69 6.72 -16.16 -7.95
C VAL F 69 6.62 -15.70 -6.50
N VAL F 70 7.18 -16.47 -5.56
CA VAL F 70 7.09 -16.08 -4.15
C VAL F 70 7.92 -14.83 -3.89
N LYS F 71 9.04 -14.66 -4.61
CA LYS F 71 9.82 -13.44 -4.45
C LYS F 71 9.15 -12.25 -5.12
N LYS F 72 8.31 -12.50 -6.13
CA LYS F 72 7.58 -11.40 -6.77
C LYS F 72 6.63 -10.73 -5.80
N SER F 73 5.95 -11.51 -4.98
CA SER F 73 5.01 -10.95 -4.00
C SER F 73 5.76 -10.21 -2.90
N CYS F 78 -0.61 -14.32 -4.38
CA CYS F 78 -0.47 -12.92 -4.77
C CYS F 78 -1.82 -12.32 -5.13
N ASN F 79 -1.82 -11.05 -5.52
CA ASN F 79 -3.04 -10.35 -5.91
C ASN F 79 -3.27 -10.38 -7.42
N ASN F 80 -2.44 -11.10 -8.16
CA ASN F 80 -2.56 -11.20 -9.61
C ASN F 80 -3.10 -12.56 -9.99
N VAL F 81 -4.14 -12.57 -10.84
CA VAL F 81 -4.72 -13.83 -11.30
C VAL F 81 -3.71 -14.68 -12.07
N PRO F 82 -2.95 -14.13 -13.04
CA PRO F 82 -1.94 -14.98 -13.70
C PRO F 82 -0.92 -15.58 -12.74
N ASP F 83 -0.52 -14.83 -11.70
CA ASP F 83 0.42 -15.37 -10.72
C ASP F 83 -0.18 -16.56 -9.98
N ILE F 84 -1.45 -16.46 -9.58
CA ILE F 84 -2.11 -17.57 -8.90
C ILE F 84 -2.21 -18.77 -9.83
N PHE F 85 -2.58 -18.54 -11.09
CA PHE F 85 -2.69 -19.65 -12.03
C PHE F 85 -1.34 -20.34 -12.25
N ILE F 86 -0.27 -19.55 -12.43
CA ILE F 86 1.02 -20.14 -12.70
C ILE F 86 1.57 -20.86 -11.46
N ILE F 87 1.32 -20.32 -10.26
CA ILE F 87 1.81 -20.99 -9.06
C ILE F 87 1.04 -22.29 -8.83
N ASN F 88 -0.25 -22.31 -9.12
CA ASN F 88 -1.01 -23.55 -8.99
C ASN F 88 -0.54 -24.58 -10.01
N LEU F 89 -0.30 -24.15 -11.25
CA LEU F 89 0.22 -25.07 -12.26
C LEU F 89 1.59 -25.61 -11.85
N SER F 90 2.44 -24.76 -11.27
CA SER F 90 3.77 -25.19 -10.86
C SER F 90 3.69 -26.21 -9.74
N VAL F 91 2.84 -25.98 -8.73
CA VAL F 91 2.74 -26.95 -7.65
C VAL F 91 2.11 -28.25 -8.14
N VAL F 92 1.16 -28.17 -9.07
CA VAL F 92 0.57 -29.38 -9.64
C VAL F 92 1.63 -30.19 -10.39
N ASP F 93 2.45 -29.52 -11.19
CA ASP F 93 3.51 -30.21 -11.91
C ASP F 93 4.54 -30.79 -10.95
N LEU F 94 4.83 -30.08 -9.86
CA LEU F 94 5.75 -30.61 -8.86
C LEU F 94 5.20 -31.89 -8.22
N LEU F 95 3.92 -31.90 -7.89
CA LEU F 95 3.30 -33.12 -7.35
C LEU F 95 3.31 -34.24 -8.37
N PHE F 96 3.06 -33.91 -9.65
CA PHE F 96 3.10 -34.93 -10.70
C PHE F 96 4.48 -35.55 -10.82
N LEU F 97 5.52 -34.72 -10.80
CA LEU F 97 6.88 -35.25 -10.89
C LEU F 97 7.26 -36.02 -9.63
N LEU F 98 6.70 -35.64 -8.48
CA LEU F 98 6.97 -36.38 -7.26
C LEU F 98 6.29 -37.76 -7.29
N GLY F 99 5.14 -37.86 -7.93
CA GLY F 99 4.47 -39.13 -8.09
C GLY F 99 4.95 -39.98 -9.24
N MET F 100 5.72 -39.38 -10.13
CA MET F 100 6.22 -40.10 -11.33
C MET F 100 7.11 -41.28 -10.93
N PRO F 101 8.05 -41.19 -9.95
CA PRO F 101 9.00 -42.30 -9.72
C PRO F 101 8.36 -43.62 -9.35
N PHE F 102 7.22 -43.60 -8.66
CA PHE F 102 6.52 -44.85 -8.35
C PHE F 102 6.06 -45.55 -9.62
N MET F 103 5.46 -44.79 -10.54
CA MET F 103 5.05 -45.36 -11.82
C MET F 103 6.25 -45.86 -12.61
N ILE F 104 7.38 -45.14 -12.51
CA ILE F 104 8.58 -45.58 -13.22
C ILE F 104 9.12 -46.89 -12.64
N HIS F 105 9.13 -47.01 -11.31
CA HIS F 105 9.61 -48.23 -10.66
C HIS F 105 8.68 -49.40 -10.96
N GLN F 106 7.39 -49.12 -11.16
CA GLN F 106 6.46 -50.16 -11.56
C GLN F 106 6.78 -50.66 -12.96
N LEU F 107 7.48 -49.85 -13.74
CA LEU F 107 7.83 -50.17 -15.12
C LEU F 107 9.24 -50.72 -15.25
N MET F 108 10.22 -50.12 -14.57
CA MET F 108 11.61 -50.51 -14.67
C MET F 108 11.99 -51.37 -13.47
N GLY F 109 12.70 -52.47 -13.73
CA GLY F 109 13.14 -53.38 -12.70
C GLY F 109 12.73 -54.82 -13.01
N ASN F 110 12.24 -55.52 -11.99
CA ASN F 110 11.78 -56.89 -12.11
C ASN F 110 10.26 -56.95 -12.31
N GLY F 111 9.64 -55.80 -12.51
CA GLY F 111 8.20 -55.73 -12.67
C GLY F 111 7.42 -56.17 -11.44
N VAL F 112 7.85 -55.69 -10.28
CA VAL F 112 7.22 -56.03 -9.01
C VAL F 112 6.87 -54.73 -8.28
N TRP F 113 5.62 -54.63 -7.82
CA TRP F 113 5.15 -53.46 -7.08
C TRP F 113 5.48 -53.68 -5.60
N HIS F 114 6.56 -53.04 -5.17
CA HIS F 114 7.06 -53.23 -3.80
C HIS F 114 6.06 -52.75 -2.76
N PHE F 115 5.39 -51.63 -3.01
CA PHE F 115 4.44 -51.09 -2.06
C PHE F 115 3.22 -52.00 -1.93
N GLY F 116 2.44 -51.76 -0.87
CA GLY F 116 1.26 -52.56 -0.64
C GLY F 116 0.11 -52.20 -1.56
N GLU F 117 -0.93 -53.03 -1.52
CA GLU F 117 -2.11 -52.78 -2.33
C GLU F 117 -2.84 -51.52 -1.88
N THR F 118 -2.74 -51.20 -0.58
CA THR F 118 -3.36 -49.98 -0.07
C THR F 118 -2.74 -48.75 -0.70
N MET F 119 -1.41 -48.75 -0.89
CA MET F 119 -0.74 -47.60 -1.49
C MET F 119 -0.96 -47.56 -3.00
N CYS F 120 -1.34 -48.68 -3.61
CA CYS F 120 -1.58 -48.75 -5.05
C CYS F 120 -2.61 -47.69 -5.48
N THR F 121 -3.80 -47.77 -4.89
CA THR F 121 -4.88 -46.86 -5.27
C THR F 121 -4.54 -45.42 -4.94
N LEU F 122 -3.91 -45.18 -3.79
CA LEU F 122 -3.54 -43.81 -3.42
C LEU F 122 -2.58 -43.22 -4.44
N ILE F 123 -1.55 -43.97 -4.82
CA ILE F 123 -0.55 -43.45 -5.76
C ILE F 123 -1.17 -43.22 -7.13
N THR F 124 -1.95 -44.18 -7.63
CA THR F 124 -2.51 -44.02 -8.97
C THR F 124 -3.53 -42.88 -9.00
N ALA F 125 -4.34 -42.74 -7.94
CA ALA F 125 -5.29 -41.64 -7.87
C ALA F 125 -4.56 -40.31 -7.82
N MET F 126 -3.50 -40.22 -7.02
CA MET F 126 -2.74 -38.96 -6.94
C MET F 126 -2.13 -38.60 -8.28
N ASP F 127 -1.54 -39.59 -8.98
CA ASP F 127 -0.92 -39.30 -10.27
C ASP F 127 -1.94 -38.86 -11.30
N ALA F 128 -3.04 -39.62 -11.44
CA ALA F 128 -4.06 -39.27 -12.42
C ALA F 128 -4.72 -37.94 -12.10
N ASN F 129 -4.97 -37.69 -10.80
CA ASN F 129 -5.55 -36.38 -10.41
C ASN F 129 -4.58 -35.27 -10.81
N SER F 130 -3.28 -35.47 -10.58
CA SER F 130 -2.28 -34.41 -10.87
C SER F 130 -2.28 -34.12 -12.37
N GLN F 131 -2.36 -35.17 -13.19
CA GLN F 131 -2.36 -34.99 -14.67
C GLN F 131 -3.65 -34.28 -15.09
N PHE F 132 -4.78 -34.66 -14.52
CA PHE F 132 -6.05 -34.07 -14.92
C PHE F 132 -6.17 -32.62 -14.47
N THR F 133 -5.76 -32.34 -13.22
CA THR F 133 -5.80 -30.95 -12.77
C THR F 133 -4.74 -30.11 -13.43
N SER F 134 -3.63 -30.70 -13.89
CA SER F 134 -2.66 -29.94 -14.66
C SER F 134 -3.25 -29.47 -15.98
N THR F 135 -3.88 -30.39 -16.72
CA THR F 135 -4.49 -29.98 -17.98
C THR F 135 -5.67 -29.03 -17.76
N TYR F 136 -6.40 -29.20 -16.64
CA TYR F 136 -7.48 -28.28 -16.32
C TYR F 136 -6.95 -26.88 -16.01
N ILE F 137 -5.84 -26.80 -15.26
CA ILE F 137 -5.24 -25.49 -14.98
C ILE F 137 -4.73 -24.86 -16.27
N LEU F 138 -4.15 -25.66 -17.16
CA LEU F 138 -3.65 -25.11 -18.42
C LEU F 138 -4.79 -24.54 -19.26
N THR F 139 -5.88 -25.28 -19.41
CA THR F 139 -6.99 -24.78 -20.21
C THR F 139 -7.69 -23.60 -19.53
N ALA F 140 -7.77 -23.59 -18.20
CA ALA F 140 -8.34 -22.44 -17.50
C ALA F 140 -7.48 -21.20 -17.67
N MET F 141 -6.15 -21.37 -17.63
CA MET F 141 -5.27 -20.23 -17.88
C MET F 141 -5.41 -19.72 -19.31
N ALA F 142 -5.58 -20.64 -20.27
CA ALA F 142 -5.83 -20.22 -21.64
C ALA F 142 -7.13 -19.44 -21.76
N ILE F 143 -8.18 -19.90 -21.08
CA ILE F 143 -9.46 -19.19 -21.10
C ILE F 143 -9.33 -17.81 -20.46
N ASP F 144 -8.59 -17.73 -19.34
CA ASP F 144 -8.38 -16.45 -18.68
C ASP F 144 -7.62 -15.48 -19.58
N ARG F 145 -6.59 -15.97 -20.28
CA ARG F 145 -5.85 -15.13 -21.21
C ARG F 145 -6.75 -14.67 -22.36
N TYR F 146 -7.62 -15.56 -22.86
CA TYR F 146 -8.57 -15.17 -23.90
C TYR F 146 -9.50 -14.07 -23.41
N LEU F 147 -10.02 -14.21 -22.19
CA LEU F 147 -10.89 -13.18 -21.63
C LEU F 147 -10.16 -11.86 -21.46
N ALA F 148 -8.91 -11.91 -20.98
CA ALA F 148 -8.15 -10.68 -20.77
C ALA F 148 -7.83 -9.99 -22.08
N THR F 149 -7.52 -10.76 -23.13
CA THR F 149 -7.09 -10.15 -24.39
C THR F 149 -8.29 -9.67 -25.21
N VAL F 150 -9.25 -10.56 -25.48
CA VAL F 150 -10.36 -10.21 -26.36
C VAL F 150 -11.28 -9.20 -25.68
N HIS F 151 -11.54 -9.38 -24.38
CA HIS F 151 -12.43 -8.49 -23.63
C HIS F 151 -11.60 -7.71 -22.61
N PRO F 152 -11.08 -6.54 -22.97
CA PRO F 152 -10.24 -5.79 -22.02
C PRO F 152 -11.01 -5.01 -20.98
N ILE F 153 -12.29 -4.71 -21.22
CA ILE F 153 -13.09 -3.90 -20.32
C ILE F 153 -14.04 -4.76 -19.50
N SER F 154 -14.76 -5.68 -20.15
CA SER F 154 -15.76 -6.47 -19.46
C SER F 154 -15.15 -7.53 -18.55
N SER F 155 -13.89 -7.92 -18.78
CA SER F 155 -13.26 -8.95 -17.96
C SER F 155 -12.92 -8.48 -16.56
N THR F 156 -12.94 -7.16 -16.30
CA THR F 156 -12.64 -6.66 -14.97
C THR F 156 -13.69 -7.04 -13.95
N LYS F 157 -14.89 -7.44 -14.40
CA LYS F 157 -15.96 -7.80 -13.47
C LYS F 157 -15.74 -9.20 -12.91
N PHE F 158 -15.69 -10.20 -13.79
CA PHE F 158 -15.51 -11.59 -13.36
C PHE F 158 -14.02 -11.96 -13.37
N ARG F 159 -13.31 -11.40 -12.40
CA ARG F 159 -11.88 -11.60 -12.26
C ARG F 159 -11.52 -11.50 -10.79
N LYS F 160 -10.22 -11.28 -10.50
CA LYS F 160 -9.65 -11.02 -9.18
C LYS F 160 -9.37 -12.33 -8.43
N PRO F 161 -8.47 -12.31 -7.44
CA PRO F 161 -8.14 -13.55 -6.73
C PRO F 161 -9.34 -14.19 -6.03
N SER F 162 -10.36 -13.41 -5.68
CA SER F 162 -11.54 -13.99 -5.05
C SER F 162 -12.22 -15.00 -5.95
N VAL F 163 -12.30 -14.71 -7.25
CA VAL F 163 -12.85 -15.68 -8.20
C VAL F 163 -11.78 -16.67 -8.64
N ALA F 164 -10.51 -16.26 -8.63
CA ALA F 164 -9.44 -17.17 -9.05
C ALA F 164 -9.34 -18.37 -8.12
N THR F 165 -9.37 -18.13 -6.81
CA THR F 165 -9.30 -19.25 -5.85
C THR F 165 -10.53 -20.15 -5.98
N LEU F 166 -11.70 -19.55 -6.20
CA LEU F 166 -12.91 -20.34 -6.37
C LEU F 166 -12.82 -21.25 -7.59
N VAL F 167 -12.32 -20.71 -8.71
CA VAL F 167 -12.21 -21.54 -9.91
C VAL F 167 -11.12 -22.60 -9.74
N ILE F 168 -10.07 -22.29 -8.99
CA ILE F 168 -9.05 -23.30 -8.71
C ILE F 168 -9.65 -24.45 -7.91
N CYS F 169 -10.42 -24.13 -6.87
CA CYS F 169 -11.07 -25.16 -6.07
C CYS F 169 -12.06 -25.97 -6.91
N LEU F 170 -12.80 -25.29 -7.79
CA LEU F 170 -13.75 -25.98 -8.67
C LEU F 170 -13.01 -26.94 -9.60
N LEU F 171 -11.87 -26.51 -10.15
CA LEU F 171 -11.10 -27.39 -11.03
C LEU F 171 -10.56 -28.59 -10.27
N TRP F 172 -10.09 -28.36 -9.03
CA TRP F 172 -9.63 -29.48 -8.21
C TRP F 172 -10.76 -30.47 -7.92
N ALA F 173 -11.96 -29.96 -7.63
CA ALA F 173 -13.10 -30.84 -7.40
C ALA F 173 -13.47 -31.61 -8.66
N LEU F 174 -13.42 -30.94 -9.83
CA LEU F 174 -13.69 -31.63 -11.08
C LEU F 174 -12.66 -32.72 -11.36
N SER F 175 -11.40 -32.45 -11.04
CA SER F 175 -10.36 -33.48 -11.18
C SER F 175 -10.63 -34.65 -10.25
N PHE F 176 -11.04 -34.37 -9.01
CA PHE F 176 -11.41 -35.43 -8.08
C PHE F 176 -12.54 -36.28 -8.65
N ILE F 177 -13.56 -35.63 -9.21
CA ILE F 177 -14.69 -36.36 -9.80
C ILE F 177 -14.22 -37.20 -10.98
N SER F 178 -13.34 -36.65 -11.82
CA SER F 178 -12.85 -37.37 -12.98
C SER F 178 -11.99 -38.57 -12.62
N ILE F 179 -11.24 -38.50 -11.51
CA ILE F 179 -10.39 -39.60 -11.09
C ILE F 179 -11.11 -40.54 -10.12
N THR F 180 -12.34 -40.21 -9.73
CA THR F 180 -13.14 -41.13 -8.94
C THR F 180 -13.24 -42.52 -9.55
N PRO F 181 -13.46 -42.69 -10.86
CA PRO F 181 -13.45 -44.07 -11.41
C PRO F 181 -12.13 -44.80 -11.18
N VAL F 182 -11.00 -44.09 -11.19
CA VAL F 182 -9.71 -44.73 -10.94
C VAL F 182 -9.66 -45.26 -9.51
N TRP F 183 -10.29 -44.55 -8.58
CA TRP F 183 -10.30 -44.96 -7.17
C TRP F 183 -10.98 -46.32 -7.00
N LEU F 184 -12.08 -46.53 -7.70
CA LEU F 184 -12.78 -47.82 -7.66
C LEU F 184 -11.86 -48.95 -8.10
N TYR F 185 -11.12 -48.72 -9.19
CA TYR F 185 -10.20 -49.68 -9.76
C TYR F 185 -8.87 -49.67 -9.02
N ALA F 186 -7.82 -50.18 -9.69
CA ALA F 186 -6.44 -50.17 -9.20
C ALA F 186 -6.18 -51.20 -8.12
N ARG F 187 -6.99 -52.25 -8.07
CA ARG F 187 -6.67 -53.40 -7.23
C ARG F 187 -5.48 -54.15 -7.80
N LEU F 188 -4.66 -54.70 -6.91
CA LEU F 188 -3.45 -55.38 -7.35
C LEU F 188 -3.79 -56.59 -8.21
N ILE F 189 -3.10 -56.72 -9.34
CA ILE F 189 -3.34 -57.77 -10.32
C ILE F 189 -2.10 -58.66 -10.38
N PRO F 190 -2.15 -59.89 -9.91
CA PRO F 190 -0.99 -60.79 -10.02
C PRO F 190 -0.95 -61.51 -11.37
N PHE F 191 -0.96 -60.76 -12.47
CA PHE F 191 -0.93 -61.37 -13.79
C PHE F 191 0.31 -62.23 -14.04
N PRO F 192 1.55 -61.77 -13.80
CA PRO F 192 2.71 -62.63 -14.06
C PRO F 192 2.76 -63.86 -13.16
N GLY F 193 2.07 -63.84 -12.03
CA GLY F 193 2.09 -64.97 -11.12
C GLY F 193 3.20 -64.89 -10.10
N GLY F 194 4.45 -64.92 -10.57
CA GLY F 194 5.58 -64.82 -9.66
C GLY F 194 5.68 -63.46 -8.99
N ALA F 195 5.40 -62.40 -9.74
CA ALA F 195 5.45 -61.03 -9.24
C ALA F 195 4.04 -60.43 -9.28
N VAL F 196 3.92 -59.20 -8.78
CA VAL F 196 2.65 -58.50 -8.75
C VAL F 196 2.85 -57.08 -9.26
N GLY F 197 1.93 -56.63 -10.11
CA GLY F 197 1.93 -55.26 -10.58
C GLY F 197 0.53 -54.69 -10.52
N CYS F 198 0.45 -53.39 -10.25
CA CYS F 198 -0.85 -52.76 -10.08
C CYS F 198 -1.60 -52.70 -11.42
N GLY F 199 -2.89 -52.95 -11.36
CA GLY F 199 -3.72 -52.93 -12.55
C GLY F 199 -5.08 -52.36 -12.24
N ILE F 200 -5.73 -51.84 -13.28
CA ILE F 200 -6.97 -51.09 -13.11
C ILE F 200 -8.16 -51.93 -13.56
N ARG F 201 -8.04 -53.25 -13.40
CA ARG F 201 -9.08 -54.20 -13.76
C ARG F 201 -10.48 -53.73 -13.41
N LEU F 202 -11.37 -53.73 -14.40
CA LEU F 202 -12.73 -53.24 -14.28
C LEU F 202 -13.72 -54.37 -14.52
N PRO F 203 -14.97 -54.22 -14.07
CA PRO F 203 -16.00 -55.21 -14.39
C PRO F 203 -16.18 -55.35 -15.90
N ASN F 204 -16.79 -56.47 -16.30
CA ASN F 204 -16.92 -56.91 -17.68
C ASN F 204 -15.63 -56.64 -18.46
N PRO F 205 -14.55 -57.36 -18.17
CA PRO F 205 -13.26 -57.04 -18.79
C PRO F 205 -13.31 -57.21 -20.31
N ASP F 206 -12.45 -56.42 -20.98
CA ASP F 206 -12.37 -56.29 -22.44
C ASP F 206 -13.60 -55.60 -23.02
N THR F 207 -14.44 -54.99 -22.18
CA THR F 207 -15.59 -54.24 -22.65
C THR F 207 -15.56 -52.83 -22.07
N ASP F 208 -15.11 -52.70 -20.81
CA ASP F 208 -14.96 -51.40 -20.20
C ASP F 208 -13.73 -50.66 -20.71
N LEU F 209 -12.87 -51.32 -21.48
CA LEU F 209 -11.71 -50.65 -22.06
C LEU F 209 -12.14 -49.53 -23.01
N TYR F 210 -13.21 -49.77 -23.78
CA TYR F 210 -13.73 -48.76 -24.69
C TYR F 210 -14.17 -47.52 -23.93
N TRP F 211 -15.04 -47.70 -22.93
CA TRP F 211 -15.58 -46.56 -22.18
C TRP F 211 -14.49 -45.80 -21.45
N PHE F 212 -13.60 -46.52 -20.74
CA PHE F 212 -12.58 -45.87 -19.95
C PHE F 212 -11.60 -45.08 -20.83
N THR F 213 -11.13 -45.71 -21.91
CA THR F 213 -10.18 -45.05 -22.80
C THR F 213 -10.80 -43.84 -23.48
N LEU F 214 -12.04 -43.99 -23.97
CA LEU F 214 -12.70 -42.86 -24.62
C LEU F 214 -12.95 -41.73 -23.63
N TYR F 215 -13.34 -42.06 -22.40
CA TYR F 215 -13.58 -41.04 -21.38
C TYR F 215 -12.30 -40.28 -21.07
N GLN F 216 -11.20 -41.00 -20.85
CA GLN F 216 -9.93 -40.34 -20.56
C GLN F 216 -9.46 -39.48 -21.73
N PHE F 217 -9.60 -40.00 -22.96
CA PHE F 217 -9.18 -39.25 -24.14
C PHE F 217 -9.99 -37.95 -24.27
N PHE F 218 -11.32 -38.06 -24.20
CA PHE F 218 -12.18 -36.89 -24.36
C PHE F 218 -12.09 -35.91 -23.21
N LEU F 219 -11.67 -36.36 -22.02
CA LEU F 219 -11.51 -35.45 -20.89
C LEU F 219 -10.10 -34.90 -20.77
N ALA F 220 -9.13 -35.43 -21.51
CA ALA F 220 -7.76 -34.93 -21.41
C ALA F 220 -7.25 -34.27 -22.67
N PHE F 221 -7.31 -34.94 -23.83
CA PHE F 221 -6.66 -34.44 -25.03
C PHE F 221 -7.65 -34.12 -26.15
N ALA F 222 -8.94 -34.01 -25.83
CA ALA F 222 -9.91 -33.64 -26.85
C ALA F 222 -10.51 -32.27 -26.56
N LEU F 223 -11.12 -32.10 -25.39
CA LEU F 223 -11.73 -30.84 -25.03
C LEU F 223 -10.70 -29.78 -24.65
N PRO F 224 -9.79 -30.04 -23.70
CA PRO F 224 -8.83 -28.99 -23.33
C PRO F 224 -7.96 -28.52 -24.49
N PHE F 225 -7.55 -29.45 -25.37
CA PHE F 225 -6.69 -29.07 -26.48
C PHE F 225 -7.40 -28.15 -27.45
N VAL F 226 -8.63 -28.51 -27.84
CA VAL F 226 -9.37 -27.67 -28.78
C VAL F 226 -9.74 -26.34 -28.14
N VAL F 227 -10.03 -26.34 -26.83
CA VAL F 227 -10.35 -25.09 -26.14
C VAL F 227 -9.14 -24.16 -26.14
N ILE F 228 -7.96 -24.70 -25.82
CA ILE F 228 -6.74 -23.88 -25.81
C ILE F 228 -6.44 -23.36 -27.21
N THR F 229 -6.57 -24.23 -28.22
CA THR F 229 -6.28 -23.81 -29.59
C THR F 229 -7.22 -22.70 -30.04
N ALA F 230 -8.52 -22.86 -29.77
CA ALA F 230 -9.49 -21.84 -30.15
C ALA F 230 -9.23 -20.53 -29.41
N ALA F 231 -8.92 -20.61 -28.11
CA ALA F 231 -8.64 -19.41 -27.34
C ALA F 231 -7.43 -18.66 -27.89
N TYR F 232 -6.36 -19.39 -28.20
CA TYR F 232 -5.17 -18.75 -28.73
C TYR F 232 -5.41 -18.18 -30.13
N VAL F 233 -6.17 -18.88 -30.96
CA VAL F 233 -6.48 -18.37 -32.29
C VAL F 233 -7.29 -17.08 -32.19
N ARG F 234 -8.28 -17.05 -31.30
CA ARG F 234 -9.07 -15.83 -31.12
C ARG F 234 -8.25 -14.71 -30.52
N ILE F 235 -7.29 -15.03 -29.64
CA ILE F 235 -6.39 -14.01 -29.11
C ILE F 235 -5.58 -13.40 -30.23
N LEU F 236 -5.00 -14.24 -31.10
CA LEU F 236 -4.19 -13.75 -32.20
C LEU F 236 -5.01 -12.93 -33.18
N GLN F 237 -6.25 -13.37 -33.47
CA GLN F 237 -7.07 -12.66 -34.44
C GLN F 237 -7.48 -11.28 -33.94
N ARG F 238 -7.82 -11.16 -32.65
CA ARG F 238 -8.36 -9.93 -32.10
C ARG F 238 -7.36 -9.16 -31.25
N MET F 239 -6.11 -9.09 -31.68
CA MET F 239 -5.15 -8.22 -31.03
C MET F 239 -5.33 -6.78 -31.52
N THR F 240 -4.58 -5.87 -30.89
CA THR F 240 -4.63 -4.44 -31.20
C THR F 240 -6.04 -3.89 -31.07
N SER F 241 -6.31 -2.74 -31.70
CA SER F 241 -7.64 -2.14 -31.65
C SER F 241 -7.83 -1.26 -32.87
N SER F 242 -8.55 -1.77 -33.87
CA SER F 242 -8.89 -1.04 -35.09
C SER F 242 -7.66 -0.55 -35.83
N VAL F 243 -6.53 -1.23 -35.68
CA VAL F 243 -5.26 -0.86 -36.31
C VAL F 243 -4.92 0.59 -35.99
N ALA F 244 -5.28 1.03 -34.77
CA ALA F 244 -4.96 2.39 -34.35
C ALA F 244 -3.46 2.65 -34.28
N PRO F 245 -2.63 1.79 -33.69
CA PRO F 245 -1.19 2.07 -33.64
C PRO F 245 -0.44 1.80 -34.94
N ALA F 246 -1.15 1.62 -36.05
CA ALA F 246 -0.55 1.39 -37.38
C ALA F 246 0.29 0.11 -37.31
N SER F 247 1.45 0.05 -37.95
CA SER F 247 2.28 -1.15 -38.00
C SER F 247 3.73 -0.80 -37.71
N GLN F 248 3.96 -0.10 -36.60
CA GLN F 248 5.30 0.30 -36.19
C GLN F 248 6.05 -0.91 -35.63
N ARG F 249 7.28 -0.68 -35.17
CA ARG F 249 8.11 -1.78 -34.68
C ARG F 249 7.50 -2.47 -33.46
N SER F 250 6.96 -1.68 -32.53
CA SER F 250 6.44 -2.25 -31.29
C SER F 250 5.28 -3.21 -31.56
N ILE F 251 4.36 -2.83 -32.45
CA ILE F 251 3.22 -3.68 -32.76
C ILE F 251 3.69 -4.97 -33.43
N ARG F 252 4.63 -4.86 -34.37
CA ARG F 252 5.15 -6.04 -35.05
C ARG F 252 5.81 -6.98 -34.06
N LEU F 253 6.63 -6.44 -33.16
CA LEU F 253 7.31 -7.28 -32.17
C LEU F 253 6.32 -7.94 -31.23
N ARG F 254 5.30 -7.19 -30.79
CA ARG F 254 4.29 -7.77 -29.89
C ARG F 254 3.52 -8.89 -30.58
N THR F 255 3.12 -8.66 -31.83
CA THR F 255 2.41 -9.70 -32.57
C THR F 255 3.27 -10.94 -32.77
N LYS F 256 4.54 -10.75 -33.13
CA LYS F 256 5.44 -11.87 -33.34
C LYS F 256 5.64 -12.66 -32.04
N ARG F 257 5.82 -11.95 -30.93
CA ARG F 257 6.05 -12.61 -29.65
C ARG F 257 4.81 -13.38 -29.19
N VAL F 258 3.63 -12.79 -29.35
CA VAL F 258 2.40 -13.49 -28.97
C VAL F 258 2.20 -14.72 -29.84
N THR F 259 2.42 -14.59 -31.15
CA THR F 259 2.28 -15.73 -32.04
C THR F 259 3.25 -16.85 -31.66
N ARG F 260 4.51 -16.48 -31.39
CA ARG F 260 5.52 -17.47 -31.03
C ARG F 260 5.14 -18.18 -29.74
N THR F 261 4.68 -17.42 -28.74
CA THR F 261 4.30 -18.03 -27.47
C THR F 261 3.12 -18.98 -27.63
N ALA F 262 2.10 -18.56 -28.38
CA ALA F 262 0.93 -19.42 -28.58
C ALA F 262 1.30 -20.68 -29.34
N ILE F 263 2.10 -20.54 -30.40
CA ILE F 263 2.50 -21.71 -31.19
C ILE F 263 3.35 -22.66 -30.35
N ALA F 264 4.26 -22.10 -29.55
CA ALA F 264 5.10 -22.95 -28.70
C ALA F 264 4.26 -23.71 -27.68
N ILE F 265 3.30 -23.03 -27.05
CA ILE F 265 2.47 -23.70 -26.05
C ILE F 265 1.66 -24.82 -26.70
N CYS F 266 1.05 -24.52 -27.85
CA CYS F 266 0.25 -25.54 -28.54
C CYS F 266 1.11 -26.73 -28.96
N LEU F 267 2.30 -26.45 -29.51
CA LEU F 267 3.18 -27.52 -29.96
C LEU F 267 3.64 -28.37 -28.79
N VAL F 268 3.99 -27.75 -27.67
CA VAL F 268 4.40 -28.51 -26.50
C VAL F 268 3.27 -29.39 -26.00
N PHE F 269 2.05 -28.84 -25.91
CA PHE F 269 0.93 -29.63 -25.41
C PHE F 269 0.54 -30.74 -26.38
N PHE F 270 0.82 -30.57 -27.68
CA PHE F 270 0.39 -31.57 -28.65
C PHE F 270 1.43 -32.67 -28.83
N VAL F 271 2.66 -32.30 -29.20
CA VAL F 271 3.68 -33.28 -29.60
C VAL F 271 3.94 -34.29 -28.51
N CYS F 272 3.77 -33.89 -27.24
CA CYS F 272 4.04 -34.81 -26.14
C CYS F 272 2.84 -35.71 -25.82
N TRP F 273 1.67 -35.09 -25.66
CA TRP F 273 0.51 -35.85 -25.18
C TRP F 273 -0.15 -36.67 -26.27
N ALA F 274 -0.12 -36.22 -27.53
CA ALA F 274 -0.78 -36.95 -28.60
C ALA F 274 -0.28 -38.38 -28.77
N PRO F 275 1.03 -38.67 -28.77
CA PRO F 275 1.44 -40.08 -28.91
C PRO F 275 0.90 -40.98 -27.81
N TYR F 276 0.84 -40.50 -26.57
CA TYR F 276 0.38 -41.32 -25.47
C TYR F 276 -1.06 -41.77 -25.69
N TYR F 277 -1.95 -40.81 -25.97
CA TYR F 277 -3.36 -41.16 -26.12
C TYR F 277 -3.63 -41.87 -27.44
N VAL F 278 -2.86 -41.58 -28.49
CA VAL F 278 -3.07 -42.32 -29.73
C VAL F 278 -2.64 -43.78 -29.56
N LEU F 279 -1.57 -44.03 -28.79
CA LEU F 279 -1.18 -45.41 -28.52
C LEU F 279 -2.19 -46.09 -27.61
N GLN F 280 -2.72 -45.38 -26.61
CA GLN F 280 -3.74 -45.96 -25.75
C GLN F 280 -5.01 -46.26 -26.52
N LEU F 281 -5.31 -45.48 -27.56
CA LEU F 281 -6.47 -45.76 -28.39
C LEU F 281 -6.22 -46.93 -29.32
N THR F 282 -5.00 -47.03 -29.89
CA THR F 282 -4.70 -48.13 -30.79
C THR F 282 -4.63 -49.45 -30.05
N GLN F 283 -4.16 -49.45 -28.80
CA GLN F 283 -4.08 -50.70 -28.05
C GLN F 283 -5.46 -51.25 -27.68
N LEU F 284 -6.51 -50.47 -27.87
CA LEU F 284 -7.86 -50.95 -27.58
C LEU F 284 -8.25 -52.11 -28.47
N SER F 285 -7.71 -52.17 -29.69
CA SER F 285 -8.05 -53.21 -30.65
C SER F 285 -7.00 -54.30 -30.76
N ILE F 286 -6.06 -54.37 -29.81
CA ILE F 286 -5.02 -55.38 -29.81
C ILE F 286 -5.07 -56.15 -28.50
N SER F 287 -4.57 -57.38 -28.53
CA SER F 287 -4.56 -58.26 -27.37
C SER F 287 -3.16 -58.54 -26.83
N ARG F 288 -2.17 -58.68 -27.70
CA ARG F 288 -0.80 -58.96 -27.29
C ARG F 288 0.17 -57.99 -27.94
N PRO F 289 1.26 -57.63 -27.24
CA PRO F 289 2.22 -56.70 -27.84
C PRO F 289 3.16 -57.37 -28.83
N THR F 290 4.12 -56.61 -29.36
CA THR F 290 5.06 -57.13 -30.34
C THR F 290 6.50 -56.74 -30.02
N LEU F 291 6.82 -56.57 -28.73
CA LEU F 291 8.17 -56.28 -28.25
C LEU F 291 8.60 -54.86 -28.62
N THR F 292 7.77 -54.15 -29.37
CA THR F 292 8.02 -52.77 -29.77
C THR F 292 6.96 -51.81 -29.27
N PHE F 293 5.70 -52.26 -29.17
CA PHE F 293 4.65 -51.40 -28.65
C PHE F 293 4.90 -51.03 -27.19
N VAL F 294 5.52 -51.93 -26.42
CA VAL F 294 5.88 -51.60 -25.05
C VAL F 294 6.90 -50.45 -25.02
N TYR F 295 7.90 -50.52 -25.90
CA TYR F 295 8.87 -49.43 -25.99
C TYR F 295 8.20 -48.13 -26.42
N LEU F 296 7.27 -48.20 -27.37
CA LEU F 296 6.56 -47.00 -27.80
C LEU F 296 5.73 -46.41 -26.67
N TYR F 297 5.08 -47.26 -25.87
CA TYR F 297 4.29 -46.79 -24.73
C TYR F 297 5.19 -46.14 -23.69
N ASN F 298 6.35 -46.73 -23.43
CA ASN F 298 7.30 -46.12 -22.50
C ASN F 298 7.78 -44.77 -23.01
N ALA F 299 8.05 -44.67 -24.32
CA ALA F 299 8.45 -43.40 -24.90
C ALA F 299 7.34 -42.37 -24.78
N ALA F 300 6.09 -42.79 -24.96
CA ALA F 300 4.96 -41.87 -24.82
C ALA F 300 4.83 -41.38 -23.38
N ILE F 301 5.01 -42.27 -22.41
CA ILE F 301 4.98 -41.86 -21.00
C ILE F 301 6.10 -40.88 -20.72
N SER F 302 7.29 -41.13 -21.28
CA SER F 302 8.41 -40.21 -21.12
C SER F 302 8.09 -38.86 -21.74
N LEU F 303 7.42 -38.85 -22.89
CA LEU F 303 7.03 -37.59 -23.52
C LEU F 303 6.03 -36.82 -22.66
N GLY F 304 5.07 -37.53 -22.05
CA GLY F 304 4.13 -36.86 -21.16
C GLY F 304 4.82 -36.26 -19.96
N TYR F 305 5.73 -37.01 -19.34
CA TYR F 305 6.50 -36.47 -18.23
C TYR F 305 7.37 -35.29 -18.67
N ALA F 306 7.92 -35.35 -19.89
CA ALA F 306 8.70 -34.23 -20.41
C ALA F 306 7.84 -33.00 -20.60
N ASN F 307 6.60 -33.17 -21.08
CA ASN F 307 5.66 -32.05 -21.14
C ASN F 307 5.47 -31.44 -19.77
N SER F 308 5.12 -32.28 -18.78
CA SER F 308 4.88 -31.79 -17.44
C SER F 308 6.11 -31.15 -16.82
N CYS F 309 7.30 -31.52 -17.29
CA CYS F 309 8.54 -30.96 -16.74
C CYS F 309 8.96 -29.66 -17.43
N LEU F 310 8.83 -29.58 -18.75
CA LEU F 310 9.31 -28.42 -19.50
C LEU F 310 8.24 -27.39 -19.77
N ASN F 311 6.99 -27.60 -19.31
CA ASN F 311 6.03 -26.51 -19.35
C ASN F 311 6.51 -25.27 -18.61
N PRO F 312 7.04 -25.36 -17.38
CA PRO F 312 7.66 -24.17 -16.76
C PRO F 312 8.83 -23.63 -17.55
N PHE F 313 9.60 -24.49 -18.22
CA PHE F 313 10.69 -24.01 -19.06
C PHE F 313 10.14 -23.20 -20.24
N VAL F 314 9.04 -23.65 -20.84
CA VAL F 314 8.41 -22.89 -21.91
C VAL F 314 7.91 -21.54 -21.38
N TYR F 315 7.33 -21.54 -20.18
CA TYR F 315 6.88 -20.28 -19.60
C TYR F 315 8.04 -19.32 -19.36
N ILE F 316 9.16 -19.83 -18.85
CA ILE F 316 10.30 -18.97 -18.54
C ILE F 316 10.93 -18.42 -19.81
N VAL F 317 11.18 -19.29 -20.80
CA VAL F 317 11.92 -18.88 -21.98
C VAL F 317 11.12 -17.89 -22.82
N LEU F 318 9.83 -18.15 -23.01
CA LEU F 318 9.02 -17.32 -23.88
C LEU F 318 8.60 -15.99 -23.25
N CYS F 319 8.88 -15.78 -21.97
CA CYS F 319 8.53 -14.55 -21.28
C CYS F 319 9.80 -13.72 -21.07
N GLU F 320 9.81 -12.50 -21.61
CA GLU F 320 10.98 -11.64 -21.45
C GLU F 320 11.04 -11.03 -20.06
N THR F 321 9.89 -10.72 -19.45
CA THR F 321 9.88 -10.17 -18.11
C THR F 321 10.44 -11.17 -17.10
N PHE F 322 10.08 -12.45 -17.24
CA PHE F 322 10.60 -13.47 -16.35
C PHE F 322 12.11 -13.61 -16.48
N ARG F 323 12.62 -13.61 -17.72
CA ARG F 323 14.06 -13.69 -17.93
C ARG F 323 14.78 -12.47 -17.36
N LYS F 324 14.19 -11.28 -17.53
CA LYS F 324 14.78 -10.09 -16.93
C LYS F 324 14.81 -10.19 -15.41
N ARG F 325 13.74 -10.72 -14.81
CA ARG F 325 13.72 -10.91 -13.37
C ARG F 325 14.73 -11.95 -12.92
N LEU F 326 15.05 -12.91 -13.80
CA LEU F 326 16.00 -13.97 -13.44
C LEU F 326 17.38 -13.40 -13.11
N VAL F 327 17.72 -12.23 -13.63
CA VAL F 327 19.00 -11.59 -13.37
C VAL F 327 18.78 -10.54 -12.29
N LEU F 328 19.44 -10.73 -11.15
CA LEU F 328 19.33 -9.78 -10.04
C LEU F 328 20.56 -9.85 -9.14
#